data_7AGG
#
_entry.id   7AGG
#
_cell.length_a   1.00
_cell.length_b   1.00
_cell.length_c   1.00
_cell.angle_alpha   90.00
_cell.angle_beta   90.00
_cell.angle_gamma   90.00
#
_symmetry.space_group_name_H-M   'P 1'
#
loop_
_entity.id
_entity.type
_entity.pdbx_description
1 polymer Fiber
2 polymer Desmoglein-2
#
loop_
_entity_poly.entity_id
_entity_poly.type
_entity_poly.pdbx_seq_one_letter_code
_entity_poly.pdbx_strand_id
1 'polypeptide(L)'
;GSHMGLTFNSNNICIDDNINTLWTGVNPTTANCQIMASSESNDCKLILTLVKTGALVTAFVYVIGVSNDFNMLTTHKNIN
FTAELFFDSTGNLLTSLSSLKTPLNHKSGQNMATGALTNAKGFMPSTTAYPFNVNSREKENYIYGTCYYTASDHTAFPID
ISVMLNQRALNNETSYCIRVTWSWNTGVAPEVQTSATTLVTSPFTFYYIREDD
;
A,B,C
2 'polypeptide(L)'
;QGAMEVLDINDNEPVFTQDVFVGSVEELSAAHTLVMKINATDADEPNTLNSKISYRIVSLEPAYPPVFYLNKDTGEIYTT
SVTLDREEHSSYTLTVEARDGNGEVTDKPVKQAQVQIRILDVNDNIPVVENKVLEGMVEENQVNVEVTRIKVFDADEIGS
DNWLANFTFASGNEGGYFHIETDAQTNEGIVTLIKEVDYEEMKNLDFSVIVANKAAFHKSIRSKYKPTPIPIKVKVKNVK
EGI
;
D,F
#
# COMPACT_ATOMS: atom_id res chain seq x y z
N ASP A 16 -35.08 -2.56 15.63
CA ASP A 16 -34.52 -3.82 15.16
C ASP A 16 -33.33 -3.60 14.25
N ASP A 17 -32.22 -4.26 14.56
CA ASP A 17 -31.02 -4.17 13.74
C ASP A 17 -30.98 -5.23 12.67
N ASN A 18 -32.00 -6.08 12.59
CA ASN A 18 -32.06 -7.05 11.50
C ASN A 18 -32.48 -6.40 10.19
N ILE A 19 -33.36 -5.41 10.25
CA ILE A 19 -33.89 -4.79 9.03
C ILE A 19 -32.94 -3.80 8.41
N ASN A 20 -31.74 -3.62 8.99
CA ASN A 20 -30.73 -2.77 8.39
C ASN A 20 -29.82 -3.52 7.46
N THR A 21 -30.15 -4.76 7.14
CA THR A 21 -29.25 -5.59 6.34
C THR A 21 -30.06 -6.34 5.29
N LEU A 22 -29.57 -6.33 4.06
CA LEU A 22 -30.22 -6.95 2.92
C LEU A 22 -29.17 -7.79 2.20
N TRP A 23 -29.39 -9.11 2.12
CA TRP A 23 -28.23 -9.97 1.93
C TRP A 23 -28.68 -11.36 1.55
N THR A 24 -27.73 -12.14 1.00
CA THR A 24 -28.02 -13.38 0.31
C THR A 24 -28.12 -14.60 1.21
N GLY A 25 -27.92 -14.47 2.49
CA GLY A 25 -27.66 -15.63 3.32
C GLY A 25 -26.18 -15.81 3.47
N VAL A 26 -25.80 -16.62 4.46
CA VAL A 26 -24.42 -17.02 4.67
C VAL A 26 -24.30 -18.47 4.26
N ASN A 27 -23.45 -18.73 3.27
CA ASN A 27 -23.22 -20.07 2.73
C ASN A 27 -24.53 -20.75 2.35
N PRO A 28 -25.17 -20.34 1.26
CA PRO A 28 -26.43 -20.98 0.85
C PRO A 28 -26.19 -22.45 0.51
N THR A 29 -27.22 -23.26 0.76
CA THR A 29 -27.07 -24.69 0.59
C THR A 29 -26.87 -25.07 -0.87
N THR A 30 -27.33 -24.24 -1.81
CA THR A 30 -27.13 -24.45 -3.23
C THR A 30 -26.63 -23.15 -3.85
N ALA A 31 -26.16 -23.26 -5.10
CA ALA A 31 -25.72 -22.08 -5.83
C ALA A 31 -26.92 -21.21 -6.17
N ASN A 32 -26.82 -19.92 -5.89
CA ASN A 32 -27.91 -18.99 -6.14
C ASN A 32 -27.63 -18.01 -7.25
N CYS A 33 -26.51 -18.14 -7.94
CA CYS A 33 -26.13 -17.17 -8.95
C CYS A 33 -25.69 -17.89 -10.21
N GLN A 34 -25.98 -17.27 -11.34
CA GLN A 34 -25.55 -17.79 -12.64
C GLN A 34 -24.73 -16.70 -13.30
N ILE A 35 -23.42 -16.70 -13.01
CA ILE A 35 -22.55 -15.66 -13.53
C ILE A 35 -22.34 -15.81 -15.02
N MET A 36 -21.99 -17.01 -15.46
CA MET A 36 -21.71 -17.24 -16.86
C MET A 36 -22.96 -17.65 -17.61
N ALA A 37 -23.14 -17.09 -18.80
CA ALA A 37 -24.27 -17.45 -19.65
C ALA A 37 -24.13 -18.83 -20.24
N SER A 38 -22.91 -19.36 -20.33
CA SER A 38 -22.71 -20.71 -20.80
C SER A 38 -23.27 -21.75 -19.85
N SER A 39 -23.37 -21.43 -18.56
CA SER A 39 -23.96 -22.34 -17.59
C SER A 39 -25.47 -22.42 -17.81
N GLU A 40 -25.99 -23.64 -17.80
CA GLU A 40 -27.41 -23.88 -17.98
C GLU A 40 -28.20 -23.70 -16.68
N SER A 41 -27.54 -23.68 -15.54
CA SER A 41 -28.18 -23.48 -14.26
C SER A 41 -27.29 -22.57 -13.43
N ASN A 42 -27.61 -22.44 -12.14
CA ASN A 42 -26.78 -21.67 -11.24
C ASN A 42 -25.43 -22.35 -11.07
N ASP A 43 -24.37 -21.58 -11.17
CA ASP A 43 -23.03 -22.16 -11.18
C ASP A 43 -22.14 -21.67 -10.05
N CYS A 44 -22.61 -20.75 -9.22
CA CYS A 44 -21.78 -20.26 -8.14
C CYS A 44 -22.67 -19.73 -7.02
N LYS A 45 -22.08 -19.57 -5.85
CA LYS A 45 -22.73 -18.92 -4.73
C LYS A 45 -22.27 -17.47 -4.72
N LEU A 46 -23.22 -16.55 -4.78
CA LEU A 46 -22.95 -15.13 -4.65
C LEU A 46 -23.34 -14.70 -3.25
N ILE A 47 -22.39 -14.14 -2.52
CA ILE A 47 -22.63 -13.62 -1.19
C ILE A 47 -22.59 -12.10 -1.30
N LEU A 48 -23.71 -11.47 -0.98
CA LEU A 48 -23.83 -10.03 -1.00
C LEU A 48 -24.43 -9.58 0.32
N THR A 49 -24.03 -8.40 0.79
CA THR A 49 -24.59 -7.84 2.00
C THR A 49 -24.66 -6.34 1.84
N LEU A 50 -25.83 -5.77 2.05
CA LEU A 50 -26.04 -4.33 2.02
C LEU A 50 -26.47 -3.89 3.41
N VAL A 51 -25.72 -2.97 4.00
CA VAL A 51 -26.01 -2.47 5.34
C VAL A 51 -26.17 -0.96 5.27
N LYS A 52 -27.29 -0.46 5.77
CA LYS A 52 -27.54 0.97 5.83
C LYS A 52 -26.61 1.61 6.83
N THR A 53 -25.69 2.43 6.35
CA THR A 53 -24.73 3.14 7.20
C THR A 53 -25.06 4.63 7.08
N GLY A 54 -25.96 5.10 7.93
CA GLY A 54 -26.36 6.49 7.91
C GLY A 54 -26.99 6.89 6.60
N ALA A 55 -26.29 7.67 5.80
CA ALA A 55 -26.70 8.00 4.44
C ALA A 55 -25.99 7.17 3.40
N LEU A 56 -25.14 6.23 3.82
CA LEU A 56 -24.41 5.37 2.91
C LEU A 56 -24.90 3.94 3.05
N VAL A 57 -24.53 3.10 2.10
CA VAL A 57 -24.71 1.67 2.21
C VAL A 57 -23.33 1.02 2.18
N THR A 58 -23.03 0.27 3.24
CA THR A 58 -21.83 -0.56 3.26
C THR A 58 -22.12 -1.86 2.52
N ALA A 59 -21.63 -1.97 1.30
CA ALA A 59 -21.93 -3.09 0.43
C ALA A 59 -20.77 -4.07 0.46
N PHE A 60 -21.09 -5.35 0.66
CA PHE A 60 -20.11 -6.36 1.05
C PHE A 60 -20.36 -7.59 0.19
N VAL A 61 -19.51 -7.82 -0.80
CA VAL A 61 -19.80 -8.82 -1.82
C VAL A 61 -18.57 -9.68 -2.09
N TYR A 62 -18.82 -10.97 -2.34
CA TYR A 62 -17.82 -11.88 -2.91
C TYR A 62 -18.55 -13.10 -3.44
N VAL A 63 -17.83 -13.90 -4.23
CA VAL A 63 -18.41 -15.06 -4.88
C VAL A 63 -17.69 -16.33 -4.41
N ILE A 64 -18.42 -17.44 -4.49
CA ILE A 64 -17.87 -18.76 -4.21
C ILE A 64 -18.21 -19.65 -5.40
N GLY A 65 -17.21 -20.23 -6.04
CA GLY A 65 -17.45 -21.05 -7.20
C GLY A 65 -18.03 -22.40 -6.82
N VAL A 66 -18.94 -22.89 -7.66
CA VAL A 66 -19.62 -24.16 -7.41
C VAL A 66 -19.39 -25.11 -8.57
N SER A 67 -19.80 -24.70 -9.77
CA SER A 67 -19.71 -25.60 -10.91
C SER A 67 -18.27 -25.75 -11.37
N ASN A 68 -17.98 -26.91 -11.95
CA ASN A 68 -16.63 -27.22 -12.39
C ASN A 68 -16.15 -26.30 -13.50
N ASP A 69 -17.03 -25.90 -14.39
CA ASP A 69 -16.67 -24.92 -15.41
C ASP A 69 -16.33 -23.59 -14.77
N PHE A 70 -17.09 -23.18 -13.75
CA PHE A 70 -16.80 -21.93 -13.06
C PHE A 70 -15.50 -21.99 -12.28
N ASN A 71 -15.27 -23.07 -11.55
CA ASN A 71 -14.01 -23.22 -10.82
C ASN A 71 -12.83 -23.43 -11.75
N MET A 72 -13.08 -23.81 -13.01
CA MET A 72 -12.00 -23.97 -13.99
C MET A 72 -11.39 -22.64 -14.38
N LEU A 73 -12.03 -21.52 -14.03
CA LEU A 73 -11.56 -20.20 -14.41
C LEU A 73 -10.20 -19.88 -13.83
N THR A 74 -9.86 -20.44 -12.67
CA THR A 74 -8.58 -20.15 -12.04
C THR A 74 -7.40 -20.68 -12.84
N THR A 75 -7.63 -21.55 -13.82
CA THR A 75 -6.56 -22.11 -14.60
C THR A 75 -6.18 -21.25 -15.80
N HIS A 76 -6.90 -20.16 -16.06
CA HIS A 76 -6.57 -19.25 -17.14
C HIS A 76 -6.04 -17.94 -16.56
N LYS A 77 -5.43 -17.14 -17.44
CA LYS A 77 -4.74 -15.93 -17.03
C LYS A 77 -5.56 -14.67 -17.27
N ASN A 78 -6.56 -14.71 -18.13
CA ASN A 78 -7.35 -13.52 -18.49
C ASN A 78 -8.80 -13.84 -18.19
N ILE A 79 -9.26 -13.45 -17.01
CA ILE A 79 -10.59 -13.79 -16.53
C ILE A 79 -11.35 -12.49 -16.34
N ASN A 80 -12.63 -12.50 -16.73
CA ASN A 80 -13.46 -11.30 -16.65
C ASN A 80 -14.88 -11.82 -16.52
N PHE A 81 -15.44 -11.77 -15.32
CA PHE A 81 -16.82 -12.15 -15.11
C PHE A 81 -17.52 -11.07 -14.28
N THR A 82 -18.82 -10.94 -14.51
CA THR A 82 -19.57 -9.84 -13.94
C THR A 82 -20.89 -10.34 -13.38
N ALA A 83 -21.42 -9.61 -12.41
CA ALA A 83 -22.73 -9.90 -11.85
C ALA A 83 -23.64 -8.69 -12.09
N GLU A 84 -24.81 -8.95 -12.65
CA GLU A 84 -25.82 -7.93 -12.87
C GLU A 84 -26.85 -8.03 -11.78
N LEU A 85 -27.16 -6.92 -11.14
CA LEU A 85 -28.26 -6.85 -10.19
C LEU A 85 -29.19 -5.74 -10.63
N PHE A 86 -30.37 -6.13 -11.09
CA PHE A 86 -31.39 -5.17 -11.50
C PHE A 86 -32.50 -5.19 -10.48
N PHE A 87 -33.02 -4.02 -10.16
CA PHE A 87 -34.01 -3.88 -9.11
C PHE A 87 -35.18 -3.06 -9.60
N ASP A 88 -36.36 -3.38 -9.09
CA ASP A 88 -37.58 -2.74 -9.55
C ASP A 88 -37.70 -1.36 -8.92
N SER A 89 -38.87 -0.74 -9.07
CA SER A 89 -39.09 0.57 -8.47
C SER A 89 -39.17 0.50 -6.96
N THR A 90 -39.48 -0.67 -6.39
CA THR A 90 -39.56 -0.82 -4.95
C THR A 90 -38.29 -1.34 -4.33
N GLY A 91 -37.30 -1.72 -5.13
CA GLY A 91 -36.06 -2.27 -4.62
C GLY A 91 -35.95 -3.77 -4.66
N ASN A 92 -37.03 -4.48 -4.95
CA ASN A 92 -36.97 -5.93 -5.03
C ASN A 92 -36.21 -6.36 -6.28
N LEU A 93 -35.40 -7.40 -6.12
CA LEU A 93 -34.56 -7.89 -7.20
C LEU A 93 -35.41 -8.46 -8.33
N LEU A 94 -35.02 -8.17 -9.56
CA LEU A 94 -35.62 -8.78 -10.75
C LEU A 94 -34.81 -10.02 -11.09
N THR A 95 -35.26 -11.17 -10.60
CA THR A 95 -34.48 -12.40 -10.68
C THR A 95 -34.31 -12.91 -12.09
N SER A 96 -35.28 -12.69 -12.97
CA SER A 96 -35.16 -13.20 -14.33
C SER A 96 -34.09 -12.47 -15.13
N LEU A 97 -33.78 -11.23 -14.78
CA LEU A 97 -32.76 -10.47 -15.50
C LEU A 97 -31.42 -10.45 -14.78
N SER A 98 -31.40 -10.64 -13.48
CA SER A 98 -30.19 -10.48 -12.69
C SER A 98 -29.35 -11.75 -12.71
N SER A 99 -28.08 -11.60 -12.32
CA SER A 99 -27.24 -12.78 -12.15
C SER A 99 -27.67 -13.60 -10.95
N LEU A 100 -27.96 -12.94 -9.83
CA LEU A 100 -28.44 -13.62 -8.64
C LEU A 100 -29.90 -14.00 -8.84
N LYS A 101 -30.20 -15.29 -8.76
CA LYS A 101 -31.54 -15.80 -9.05
C LYS A 101 -32.39 -15.99 -7.81
N THR A 102 -31.90 -15.60 -6.64
CA THR A 102 -32.66 -15.71 -5.41
C THR A 102 -32.77 -14.33 -4.75
N PRO A 103 -33.97 -13.83 -4.49
CA PRO A 103 -34.10 -12.46 -4.01
C PRO A 103 -33.48 -12.26 -2.64
N LEU A 104 -33.01 -11.04 -2.40
CA LEU A 104 -32.41 -10.71 -1.12
C LEU A 104 -33.47 -10.62 -0.04
N ASN A 105 -33.03 -10.66 1.22
CA ASN A 105 -33.95 -10.53 2.34
C ASN A 105 -33.18 -10.03 3.54
N HIS A 106 -33.90 -9.80 4.63
CA HIS A 106 -33.33 -9.23 5.84
C HIS A 106 -32.60 -10.29 6.64
N LYS A 107 -32.19 -9.94 7.85
CA LYS A 107 -31.32 -10.81 8.63
C LYS A 107 -32.12 -11.66 9.61
N SER A 108 -31.90 -12.97 9.53
CA SER A 108 -32.46 -13.93 10.47
C SER A 108 -31.33 -14.88 10.80
N GLY A 109 -30.53 -14.51 11.80
CA GLY A 109 -29.36 -15.30 12.15
C GLY A 109 -28.31 -15.29 11.07
N GLN A 110 -27.88 -16.47 10.65
CA GLN A 110 -26.98 -16.61 9.51
C GLN A 110 -27.72 -16.82 8.21
N ASN A 111 -29.04 -16.66 8.23
CA ASN A 111 -29.89 -17.01 7.11
C ASN A 111 -30.70 -15.80 6.68
N MET A 112 -31.18 -15.86 5.44
CA MET A 112 -32.14 -14.89 4.94
C MET A 112 -33.44 -14.99 5.73
N ALA A 113 -34.09 -13.84 5.90
CA ALA A 113 -35.44 -13.83 6.43
C ALA A 113 -36.42 -14.38 5.39
N THR A 114 -37.66 -14.62 5.84
CA THR A 114 -38.66 -15.22 4.96
C THR A 114 -39.79 -14.28 4.57
N GLY A 115 -39.97 -13.17 5.28
CA GLY A 115 -41.07 -12.27 5.02
C GLY A 115 -40.83 -11.38 3.83
N ALA A 116 -41.62 -10.31 3.75
CA ALA A 116 -41.45 -9.32 2.71
C ALA A 116 -40.32 -8.37 3.07
N LEU A 117 -40.13 -7.34 2.24
CA LEU A 117 -39.05 -6.39 2.46
C LEU A 117 -39.59 -5.09 3.01
N THR A 118 -39.03 -4.67 4.15
CA THR A 118 -39.43 -3.44 4.82
C THR A 118 -38.45 -2.34 4.40
N ASN A 119 -38.93 -1.41 3.59
CA ASN A 119 -38.15 -0.29 3.05
C ASN A 119 -36.90 -0.79 2.33
N ALA A 120 -37.14 -1.61 1.31
CA ALA A 120 -36.07 -2.06 0.45
C ALA A 120 -35.51 -0.95 -0.42
N LYS A 121 -36.30 0.10 -0.66
CA LYS A 121 -35.87 1.18 -1.55
C LYS A 121 -34.74 1.99 -0.94
N GLY A 122 -34.62 1.98 0.38
CA GLY A 122 -33.53 2.71 1.02
C GLY A 122 -32.16 2.12 0.79
N PHE A 123 -32.07 0.89 0.33
CA PHE A 123 -30.77 0.27 0.09
C PHE A 123 -30.22 0.59 -1.30
N MET A 124 -30.98 1.25 -2.14
CA MET A 124 -30.62 1.35 -3.54
C MET A 124 -29.61 2.46 -3.78
N PRO A 125 -28.80 2.35 -4.82
CA PRO A 125 -27.96 3.47 -5.22
C PRO A 125 -28.82 4.63 -5.71
N SER A 126 -28.65 5.77 -5.08
CA SER A 126 -29.53 6.91 -5.30
C SER A 126 -29.40 7.47 -6.71
N THR A 127 -30.53 7.81 -7.30
CA THR A 127 -30.52 8.37 -8.65
C THR A 127 -30.03 9.81 -8.68
N THR A 128 -30.18 10.55 -7.57
CA THR A 128 -29.63 11.89 -7.52
C THR A 128 -28.10 11.86 -7.56
N ALA A 129 -27.50 10.95 -6.81
CA ALA A 129 -26.05 10.81 -6.87
C ALA A 129 -25.62 10.05 -8.10
N TYR A 130 -26.42 9.09 -8.54
CA TYR A 130 -26.07 8.23 -9.67
C TYR A 130 -27.24 8.22 -10.66
N PRO A 131 -27.24 9.14 -11.62
CA PRO A 131 -28.35 9.24 -12.56
C PRO A 131 -28.23 8.27 -13.72
N PHE A 132 -29.36 8.09 -14.41
CA PHE A 132 -29.41 7.27 -15.60
C PHE A 132 -29.21 8.13 -16.84
N ASN A 133 -28.28 7.72 -17.70
CA ASN A 133 -28.13 8.27 -19.05
C ASN A 133 -27.87 9.77 -19.06
N VAL A 134 -27.09 10.26 -18.09
CA VAL A 134 -26.64 11.64 -18.09
C VAL A 134 -25.16 11.62 -18.43
N ASN A 135 -24.83 12.00 -19.67
CA ASN A 135 -23.46 11.94 -20.13
C ASN A 135 -22.57 12.97 -19.48
N SER A 136 -23.10 14.12 -19.09
CA SER A 136 -22.31 15.10 -18.38
C SER A 136 -21.94 14.65 -16.98
N ARG A 137 -22.66 13.69 -16.42
CA ARG A 137 -22.41 13.17 -15.09
C ARG A 137 -22.09 11.69 -15.13
N GLU A 138 -21.39 11.26 -16.17
CA GLU A 138 -21.10 9.84 -16.36
C GLU A 138 -20.18 9.29 -15.28
N LYS A 139 -19.17 10.05 -14.89
CA LYS A 139 -18.10 9.53 -14.04
C LYS A 139 -18.52 9.25 -12.60
N GLU A 140 -19.66 9.77 -12.16
CA GLU A 140 -20.05 9.55 -10.78
C GLU A 140 -20.57 8.14 -10.52
N ASN A 141 -20.83 7.36 -11.57
CA ASN A 141 -21.42 6.04 -11.40
C ASN A 141 -20.40 4.93 -11.21
N TYR A 142 -19.12 5.24 -11.15
CA TYR A 142 -18.06 4.25 -11.17
C TYR A 142 -17.43 4.14 -9.80
N ILE A 143 -17.22 2.90 -9.35
CA ILE A 143 -16.56 2.60 -8.09
C ILE A 143 -15.56 1.49 -8.35
N TYR A 144 -14.34 1.66 -7.85
CA TYR A 144 -13.30 0.68 -8.09
C TYR A 144 -12.71 0.18 -6.78
N GLY A 145 -11.94 -0.90 -6.89
CA GLY A 145 -11.36 -1.51 -5.72
C GLY A 145 -10.59 -2.76 -6.11
N THR A 146 -10.29 -3.57 -5.10
CA THR A 146 -9.46 -4.75 -5.30
C THR A 146 -9.83 -5.80 -4.25
N CYS A 147 -10.05 -7.03 -4.69
CA CYS A 147 -10.13 -8.17 -3.81
C CYS A 147 -9.01 -9.14 -4.18
N TYR A 148 -8.95 -10.26 -3.47
CA TYR A 148 -7.88 -11.21 -3.71
C TYR A 148 -8.46 -12.61 -3.82
N TYR A 149 -7.67 -13.48 -4.42
CA TYR A 149 -7.92 -14.91 -4.48
C TYR A 149 -6.75 -15.63 -3.84
N THR A 150 -7.00 -16.31 -2.73
CA THR A 150 -5.97 -17.10 -2.09
C THR A 150 -5.76 -18.39 -2.87
N ALA A 151 -4.54 -18.61 -3.35
CA ALA A 151 -4.25 -19.78 -4.16
C ALA A 151 -4.20 -21.02 -3.26
N SER A 152 -3.99 -22.18 -3.88
CA SER A 152 -3.92 -23.43 -3.13
C SER A 152 -2.65 -23.52 -2.30
N ASP A 153 -1.63 -22.75 -2.65
CA ASP A 153 -0.42 -22.63 -1.85
C ASP A 153 -0.40 -21.37 -0.99
N HIS A 154 -1.58 -20.78 -0.76
CA HIS A 154 -1.75 -19.58 0.07
C HIS A 154 -1.00 -18.38 -0.51
N THR A 155 -1.17 -18.18 -1.80
CA THR A 155 -0.71 -16.99 -2.50
C THR A 155 -1.91 -16.13 -2.85
N ALA A 156 -1.84 -14.84 -2.54
CA ALA A 156 -2.95 -13.95 -2.82
C ALA A 156 -2.77 -13.32 -4.19
N PHE A 157 -3.74 -13.52 -5.06
CA PHE A 157 -3.72 -12.91 -6.38
C PHE A 157 -4.70 -11.76 -6.41
N PRO A 158 -4.25 -10.53 -6.61
CA PRO A 158 -5.18 -9.40 -6.59
C PRO A 158 -6.11 -9.42 -7.79
N ILE A 159 -7.39 -9.17 -7.51
CA ILE A 159 -8.43 -9.16 -8.52
C ILE A 159 -9.01 -7.75 -8.57
N ASP A 160 -9.02 -7.16 -9.75
CA ASP A 160 -9.55 -5.81 -9.89
C ASP A 160 -11.07 -5.86 -9.97
N ILE A 161 -11.72 -4.99 -9.21
CA ILE A 161 -13.17 -4.94 -9.15
C ILE A 161 -13.61 -3.57 -9.64
N SER A 162 -14.56 -3.56 -10.56
CA SER A 162 -15.24 -2.34 -10.97
C SER A 162 -16.71 -2.47 -10.63
N VAL A 163 -17.22 -1.51 -9.87
CA VAL A 163 -18.62 -1.46 -9.49
C VAL A 163 -19.26 -0.33 -10.28
N MET A 164 -20.44 -0.57 -10.81
CA MET A 164 -21.07 0.36 -11.71
C MET A 164 -22.52 0.51 -11.29
N LEU A 165 -22.96 1.74 -11.10
CA LEU A 165 -24.24 2.03 -10.45
C LEU A 165 -25.16 2.75 -11.40
N ASN A 166 -26.39 2.24 -11.53
CA ASN A 166 -27.49 2.90 -12.25
C ASN A 166 -27.12 3.28 -13.68
N GLN A 167 -26.53 2.33 -14.41
CA GLN A 167 -26.24 2.59 -15.81
C GLN A 167 -27.43 2.32 -16.72
N ARG A 168 -28.10 1.20 -16.53
CA ARG A 168 -28.98 0.70 -17.57
C ARG A 168 -30.31 0.29 -16.99
N ALA A 169 -31.36 0.53 -17.76
CA ALA A 169 -32.66 -0.08 -17.54
C ALA A 169 -32.95 -0.95 -18.76
N LEU A 170 -32.95 -2.27 -18.57
CA LEU A 170 -33.20 -3.17 -19.67
C LEU A 170 -34.65 -3.11 -20.14
N ASN A 171 -35.54 -2.62 -19.31
CA ASN A 171 -36.92 -2.39 -19.69
C ASN A 171 -37.39 -1.15 -18.95
N ASN A 172 -38.70 -0.91 -18.96
CA ASN A 172 -39.25 0.13 -18.12
C ASN A 172 -39.40 -0.31 -16.67
N GLU A 173 -39.12 -1.58 -16.38
CA GLU A 173 -39.35 -2.10 -15.04
C GLU A 173 -38.15 -1.80 -14.16
N THR A 174 -36.94 -1.94 -14.71
CA THR A 174 -35.71 -1.74 -13.96
C THR A 174 -35.55 -0.28 -13.55
N SER A 175 -35.38 -0.05 -12.25
CA SER A 175 -35.16 1.29 -11.73
C SER A 175 -33.79 1.50 -11.12
N TYR A 176 -33.10 0.45 -10.69
CA TYR A 176 -31.77 0.55 -10.13
C TYR A 176 -30.93 -0.59 -10.64
N CYS A 177 -29.66 -0.32 -10.88
CA CYS A 177 -28.75 -1.30 -11.44
C CYS A 177 -27.46 -1.27 -10.66
N ILE A 178 -26.97 -2.44 -10.28
CA ILE A 178 -25.64 -2.60 -9.70
C ILE A 178 -24.91 -3.64 -10.51
N ARG A 179 -23.79 -3.24 -11.10
CA ARG A 179 -22.91 -4.15 -11.82
C ARG A 179 -21.58 -4.25 -11.11
N VAL A 180 -21.23 -5.45 -10.69
CA VAL A 180 -19.93 -5.73 -10.10
C VAL A 180 -19.18 -6.62 -11.06
N THR A 181 -17.94 -6.25 -11.38
CA THR A 181 -17.15 -7.00 -12.35
C THR A 181 -15.79 -7.35 -11.74
N TRP A 182 -15.53 -8.64 -11.62
CA TRP A 182 -14.22 -9.10 -11.20
C TRP A 182 -13.37 -9.40 -12.43
N SER A 183 -12.08 -9.12 -12.33
CA SER A 183 -11.20 -9.30 -13.47
C SER A 183 -9.77 -9.39 -12.99
N TRP A 184 -8.97 -10.23 -13.64
CA TRP A 184 -7.53 -10.19 -13.44
C TRP A 184 -6.82 -10.35 -14.77
N ASN A 185 -5.60 -9.83 -14.81
CA ASN A 185 -4.64 -10.09 -15.89
C ASN A 185 -3.32 -10.39 -15.19
N THR A 186 -3.10 -11.64 -14.83
CA THR A 186 -1.91 -12.03 -14.10
C THR A 186 -0.85 -12.53 -15.07
N GLY A 187 0.33 -12.81 -14.54
CA GLY A 187 1.42 -13.34 -15.34
C GLY A 187 1.31 -14.83 -15.54
N VAL A 188 0.97 -15.55 -14.48
CA VAL A 188 0.67 -16.97 -14.56
C VAL A 188 -0.75 -17.19 -14.08
N ALA A 189 -1.30 -18.34 -14.44
CA ALA A 189 -2.58 -18.74 -13.90
C ALA A 189 -2.42 -19.03 -12.41
N PRO A 190 -3.42 -18.67 -11.60
CA PRO A 190 -3.34 -18.99 -10.17
C PRO A 190 -3.23 -20.48 -9.87
N GLU A 191 -3.88 -21.33 -10.65
CA GLU A 191 -3.86 -22.77 -10.42
C GLU A 191 -3.55 -23.50 -11.71
N VAL A 192 -3.42 -24.82 -11.59
CA VAL A 192 -3.39 -25.71 -12.74
C VAL A 192 -4.65 -26.57 -12.67
N GLN A 193 -4.84 -27.43 -13.68
CA GLN A 193 -6.07 -28.22 -13.75
C GLN A 193 -6.19 -29.19 -12.57
N THR A 194 -5.08 -29.75 -12.11
CA THR A 194 -5.13 -30.65 -10.97
C THR A 194 -5.32 -29.91 -9.66
N SER A 195 -4.76 -28.71 -9.52
CA SER A 195 -4.80 -27.97 -8.28
C SER A 195 -5.99 -27.04 -8.16
N ALA A 196 -6.78 -26.88 -9.23
CA ALA A 196 -7.93 -25.98 -9.18
C ALA A 196 -9.02 -26.64 -8.34
N THR A 197 -9.36 -26.02 -7.21
CA THR A 197 -10.36 -26.57 -6.31
C THR A 197 -11.63 -25.74 -6.29
N THR A 198 -11.52 -24.46 -5.95
CA THR A 198 -12.70 -23.61 -5.82
C THR A 198 -12.26 -22.17 -6.10
N LEU A 199 -13.12 -21.41 -6.77
CA LEU A 199 -12.87 -19.98 -6.96
C LEU A 199 -13.60 -19.23 -5.85
N VAL A 200 -12.84 -18.82 -4.84
CA VAL A 200 -13.37 -18.00 -3.76
C VAL A 200 -12.61 -16.69 -3.79
N THR A 201 -13.34 -15.58 -3.96
CA THR A 201 -12.73 -14.28 -3.89
C THR A 201 -12.81 -13.75 -2.46
N SER A 202 -11.79 -13.00 -2.07
CA SER A 202 -11.82 -12.33 -0.79
C SER A 202 -12.93 -11.29 -0.81
N PRO A 203 -13.51 -10.98 0.35
CA PRO A 203 -14.63 -10.05 0.39
C PRO A 203 -14.22 -8.65 -0.03
N PHE A 204 -15.17 -7.94 -0.62
CA PHE A 204 -14.94 -6.59 -1.09
C PHE A 204 -15.99 -5.68 -0.49
N THR A 205 -15.57 -4.50 -0.05
CA THR A 205 -16.47 -3.54 0.59
C THR A 205 -16.39 -2.23 -0.14
N PHE A 206 -17.55 -1.71 -0.54
CA PHE A 206 -17.64 -0.40 -1.14
C PHE A 206 -18.88 0.32 -0.60
N TYR A 207 -18.94 1.62 -0.82
CA TYR A 207 -20.02 2.45 -0.33
C TYR A 207 -20.62 3.26 -1.45
N TYR A 208 -21.87 3.65 -1.26
CA TYR A 208 -22.51 4.57 -2.18
C TYR A 208 -23.55 5.36 -1.42
N ILE A 209 -23.94 6.49 -1.96
CA ILE A 209 -25.01 7.27 -1.37
C ILE A 209 -26.33 6.57 -1.68
N ARG A 210 -27.11 6.30 -0.65
CA ARG A 210 -28.29 5.49 -0.84
C ARG A 210 -29.51 6.33 -1.18
N GLU A 211 -30.47 5.68 -1.83
CA GLU A 211 -31.74 6.31 -2.16
C GLU A 211 -32.56 6.48 -0.88
N ASP A 212 -33.44 7.49 -0.88
CA ASP A 212 -34.37 7.68 0.22
C ASP A 212 -35.26 6.46 0.41
N ASP A 213 -35.80 6.34 1.61
CA ASP A 213 -36.71 5.25 1.96
C ASP A 213 -37.98 5.29 1.14
N VAL B 6 26.17 -36.00 48.82
CA VAL B 6 26.33 -35.26 47.58
C VAL B 6 25.16 -34.29 47.40
N LEU B 7 25.46 -33.00 47.48
CA LEU B 7 24.48 -31.95 47.33
C LEU B 7 24.53 -31.38 45.91
N ASP B 8 23.56 -30.52 45.60
CA ASP B 8 23.50 -29.90 44.27
C ASP B 8 24.26 -28.59 44.22
N ILE B 9 25.51 -28.61 44.68
CA ILE B 9 26.35 -27.43 44.66
C ILE B 9 26.86 -27.24 43.23
N ASN B 10 27.44 -26.09 42.94
CA ASN B 10 27.95 -25.80 41.61
C ASN B 10 29.34 -26.40 41.51
N ASP B 11 29.39 -27.73 41.35
CA ASP B 11 30.65 -28.46 41.37
C ASP B 11 30.99 -29.14 40.04
N ASN B 12 30.12 -29.07 39.05
CA ASN B 12 30.36 -29.73 37.78
C ASN B 12 29.76 -28.86 36.67
N GLU B 13 29.59 -29.45 35.49
CA GLU B 13 29.13 -28.73 34.32
C GLU B 13 27.89 -29.41 33.75
N PRO B 14 27.04 -28.68 33.05
CA PRO B 14 25.93 -29.33 32.33
C PRO B 14 26.46 -30.06 31.10
N VAL B 15 26.34 -31.38 31.14
CA VAL B 15 26.89 -32.23 30.09
C VAL B 15 26.05 -32.10 28.83
N PHE B 16 26.70 -31.82 27.71
CA PHE B 16 26.00 -31.67 26.45
C PHE B 16 25.82 -33.03 25.79
N THR B 17 24.99 -33.06 24.74
CA THR B 17 24.87 -34.25 23.92
C THR B 17 26.04 -34.38 22.95
N GLN B 18 26.34 -33.30 22.23
CA GLN B 18 27.41 -33.29 21.25
C GLN B 18 27.85 -31.84 21.05
N ASP B 19 29.09 -31.65 20.59
CA ASP B 19 29.70 -30.32 20.60
C ASP B 19 29.33 -29.45 19.41
N VAL B 20 29.35 -29.98 18.19
CA VAL B 20 29.09 -29.17 17.00
C VAL B 20 27.70 -29.54 16.50
N PHE B 21 26.70 -28.83 17.00
CA PHE B 21 25.31 -29.09 16.65
C PHE B 21 25.04 -28.61 15.22
N VAL B 22 24.18 -29.35 14.52
CA VAL B 22 23.75 -29.00 13.18
C VAL B 22 22.23 -29.02 13.16
N GLY B 23 21.65 -28.04 12.47
CA GLY B 23 20.23 -27.99 12.25
C GLY B 23 19.96 -27.10 11.05
N SER B 24 18.68 -26.87 10.80
CA SER B 24 18.33 -26.11 9.61
C SER B 24 16.97 -25.49 9.77
N VAL B 25 16.77 -24.35 9.10
CA VAL B 25 15.50 -23.65 9.06
C VAL B 25 15.40 -23.02 7.67
N GLU B 26 14.18 -22.70 7.26
CA GLU B 26 13.93 -22.31 5.89
C GLU B 26 13.89 -20.79 5.77
N GLU B 27 14.30 -20.30 4.59
CA GLU B 27 14.23 -18.88 4.26
C GLU B 27 12.81 -18.35 4.40
N LEU B 28 12.69 -17.08 4.80
CA LEU B 28 11.43 -16.35 4.86
C LEU B 28 10.42 -17.00 5.78
N SER B 29 10.90 -17.68 6.82
CA SER B 29 10.00 -18.26 7.80
C SER B 29 9.39 -17.15 8.66
N ALA B 30 8.21 -17.43 9.19
CA ALA B 30 7.54 -16.50 10.06
C ALA B 30 8.23 -16.49 11.43
N ALA B 31 7.85 -15.53 12.26
CA ALA B 31 8.43 -15.41 13.58
C ALA B 31 8.04 -16.60 14.45
N HIS B 32 8.90 -16.90 15.41
CA HIS B 32 8.69 -17.98 16.39
C HIS B 32 8.50 -19.32 15.70
N THR B 33 9.40 -19.64 14.78
CA THR B 33 9.47 -20.94 14.14
C THR B 33 10.60 -21.72 14.77
N LEU B 34 10.32 -22.96 15.19
CA LEU B 34 11.30 -23.75 15.90
C LEU B 34 12.42 -24.19 14.96
N VAL B 35 13.66 -23.96 15.37
CA VAL B 35 14.80 -24.33 14.53
C VAL B 35 15.44 -25.62 15.05
N MET B 36 15.76 -25.67 16.34
CA MET B 36 16.12 -26.93 16.98
C MET B 36 15.76 -26.83 18.45
N LYS B 37 15.91 -27.95 19.15
CA LYS B 37 15.96 -27.98 20.60
C LYS B 37 17.36 -28.43 20.99
N ILE B 38 18.12 -27.53 21.59
CA ILE B 38 19.52 -27.83 21.94
C ILE B 38 19.51 -28.85 23.06
N ASN B 39 20.00 -30.05 22.75
CA ASN B 39 19.96 -31.17 23.69
C ASN B 39 21.14 -31.03 24.66
N ALA B 40 20.84 -31.05 25.94
CA ALA B 40 21.86 -31.07 26.98
C ALA B 40 21.29 -31.80 28.21
N THR B 41 22.19 -32.29 29.06
CA THR B 41 21.78 -33.01 30.25
C THR B 41 22.55 -32.51 31.45
N ASP B 42 22.17 -32.98 32.63
CA ASP B 42 22.77 -32.59 33.89
C ASP B 42 23.60 -33.73 34.45
N ALA B 43 24.83 -33.43 34.85
CA ALA B 43 25.68 -34.41 35.53
C ALA B 43 25.39 -34.49 37.03
N ASP B 44 24.66 -33.52 37.58
CA ASP B 44 24.19 -33.59 38.96
C ASP B 44 22.80 -34.21 38.97
N GLU B 45 22.14 -34.14 40.11
CA GLU B 45 20.78 -34.67 40.23
C GLU B 45 19.78 -33.80 39.46
N PRO B 46 18.71 -34.39 38.97
CA PRO B 46 17.64 -33.60 38.34
C PRO B 46 16.82 -32.88 39.40
N ASN B 47 15.97 -31.96 38.91
CA ASN B 47 15.09 -31.13 39.74
C ASN B 47 15.89 -30.31 40.75
N THR B 48 17.07 -29.86 40.36
CA THR B 48 17.96 -29.07 41.20
C THR B 48 18.35 -27.80 40.46
N LEU B 49 19.26 -27.02 41.06
CA LEU B 49 19.74 -25.80 40.41
C LEU B 49 20.65 -26.12 39.23
N ASN B 50 21.41 -27.21 39.32
CA ASN B 50 22.16 -27.69 38.16
C ASN B 50 21.25 -28.26 37.09
N SER B 51 20.06 -28.74 37.46
CA SER B 51 19.06 -29.12 36.47
C SER B 51 18.49 -27.91 35.76
N LYS B 52 18.59 -26.72 36.36
CA LYS B 52 18.20 -25.50 35.67
C LYS B 52 19.29 -25.13 34.67
N ILE B 53 19.22 -25.75 33.48
CA ILE B 53 20.22 -25.55 32.44
C ILE B 53 19.88 -24.24 31.76
N SER B 54 20.54 -23.16 32.17
CA SER B 54 20.29 -21.84 31.61
C SER B 54 21.12 -21.71 30.33
N TYR B 55 20.51 -22.03 29.20
CA TYR B 55 21.18 -21.91 27.91
C TYR B 55 21.39 -20.43 27.61
N ARG B 56 22.48 -20.12 26.90
CA ARG B 56 22.87 -18.72 26.75
C ARG B 56 23.71 -18.57 25.49
N ILE B 57 23.19 -17.80 24.53
CA ILE B 57 23.95 -17.49 23.34
C ILE B 57 25.11 -16.58 23.71
N VAL B 58 26.31 -16.93 23.27
CA VAL B 58 27.47 -16.09 23.51
C VAL B 58 27.76 -15.24 22.29
N SER B 59 27.86 -15.87 21.12
CA SER B 59 28.29 -15.15 19.92
C SER B 59 27.57 -15.68 18.69
N LEU B 60 26.84 -14.80 18.02
CA LEU B 60 26.53 -15.01 16.61
C LEU B 60 27.77 -14.65 15.81
N GLU B 61 28.19 -15.52 14.93
CA GLU B 61 29.41 -15.15 14.22
C GLU B 61 29.09 -14.19 13.08
N PRO B 62 28.00 -14.39 12.28
CA PRO B 62 27.44 -13.23 11.56
C PRO B 62 26.50 -12.43 12.44
N ALA B 63 27.06 -11.53 13.24
CA ALA B 63 26.38 -11.04 14.45
C ALA B 63 25.34 -9.96 14.21
N TYR B 64 25.34 -9.31 13.04
CA TYR B 64 24.64 -8.03 12.93
C TYR B 64 23.12 -8.08 13.12
N PRO B 65 22.35 -8.94 12.43
CA PRO B 65 20.91 -8.94 12.66
C PRO B 65 20.54 -9.91 13.78
N PRO B 66 19.71 -9.47 14.73
CA PRO B 66 19.26 -10.37 15.81
C PRO B 66 18.19 -11.34 15.32
N VAL B 67 18.63 -12.32 14.53
CA VAL B 67 17.70 -13.16 13.80
C VAL B 67 17.15 -14.28 14.67
N PHE B 68 18.02 -15.04 15.30
CA PHE B 68 17.59 -16.20 16.06
C PHE B 68 17.35 -15.84 17.52
N TYR B 69 16.45 -16.59 18.14
CA TYR B 69 16.13 -16.41 19.55
C TYR B 69 16.29 -17.75 20.25
N LEU B 70 17.06 -17.77 21.32
CA LEU B 70 17.28 -18.98 22.11
C LEU B 70 16.42 -18.91 23.36
N ASN B 71 15.56 -19.91 23.56
CA ASN B 71 14.77 -19.98 24.77
C ASN B 71 15.64 -20.52 25.90
N LYS B 72 15.96 -19.67 26.86
CA LYS B 72 16.93 -19.99 27.90
C LYS B 72 16.43 -21.06 28.87
N ASP B 73 15.13 -21.34 28.88
CA ASP B 73 14.63 -22.38 29.77
C ASP B 73 14.75 -23.76 29.17
N THR B 74 14.42 -23.91 27.89
CA THR B 74 14.37 -25.22 27.25
C THR B 74 15.47 -25.46 26.25
N GLY B 75 16.13 -24.42 25.75
CA GLY B 75 17.11 -24.58 24.71
C GLY B 75 16.56 -24.56 23.32
N GLU B 76 15.25 -24.38 23.16
CA GLU B 76 14.65 -24.29 21.85
C GLU B 76 15.09 -23.01 21.17
N ILE B 77 15.52 -23.11 19.91
CA ILE B 77 15.99 -21.95 19.17
C ILE B 77 14.94 -21.60 18.13
N TYR B 78 14.51 -20.35 18.11
CA TYR B 78 13.43 -19.89 17.25
C TYR B 78 13.94 -18.84 16.27
N THR B 79 13.01 -18.30 15.51
CA THR B 79 13.27 -17.18 14.62
C THR B 79 12.50 -15.96 15.09
N THR B 80 13.16 -14.81 15.10
CA THR B 80 12.56 -13.58 15.59
C THR B 80 11.70 -12.96 14.49
N SER B 81 11.20 -11.75 14.75
CA SER B 81 10.44 -11.01 13.75
C SER B 81 11.29 -10.46 12.63
N VAL B 82 12.62 -10.53 12.75
CA VAL B 82 13.50 -10.14 11.66
C VAL B 82 13.60 -11.33 10.71
N THR B 83 13.02 -11.19 9.52
CA THR B 83 12.85 -12.32 8.64
C THR B 83 14.16 -12.70 7.96
N LEU B 84 14.43 -14.00 7.90
CA LEU B 84 15.63 -14.51 7.26
C LEU B 84 15.59 -14.28 5.75
N ASP B 85 16.69 -13.78 5.21
CA ASP B 85 16.91 -13.74 3.77
C ASP B 85 18.18 -14.52 3.50
N ARG B 86 18.03 -15.70 2.88
CA ARG B 86 19.15 -16.62 2.70
C ARG B 86 20.22 -16.04 1.79
N GLU B 87 19.87 -15.12 0.89
CA GLU B 87 20.82 -14.67 -0.11
C GLU B 87 21.83 -13.65 0.41
N GLU B 88 21.75 -13.29 1.70
CA GLU B 88 22.75 -12.45 2.33
C GLU B 88 23.52 -13.16 3.43
N HIS B 89 22.97 -14.25 3.99
CA HIS B 89 23.67 -15.05 4.99
C HIS B 89 23.22 -16.49 4.81
N SER B 90 24.08 -17.30 4.18
CA SER B 90 23.70 -18.67 3.88
C SER B 90 23.78 -19.57 5.10
N SER B 91 24.52 -19.18 6.12
CA SER B 91 24.69 -20.04 7.28
C SER B 91 25.06 -19.20 8.49
N TYR B 92 24.66 -19.69 9.66
CA TYR B 92 24.88 -18.99 10.93
C TYR B 92 25.60 -19.93 11.88
N THR B 93 26.57 -19.41 12.60
CA THR B 93 27.26 -20.17 13.63
C THR B 93 26.95 -19.52 14.97
N LEU B 94 26.42 -20.32 15.90
CA LEU B 94 25.91 -19.82 17.18
C LEU B 94 26.67 -20.50 18.31
N THR B 95 27.74 -19.87 18.78
CA THR B 95 28.47 -20.38 19.92
C THR B 95 27.60 -20.18 21.15
N VAL B 96 26.89 -21.22 21.56
CA VAL B 96 26.08 -21.16 22.75
C VAL B 96 26.86 -21.74 23.92
N GLU B 97 26.39 -21.48 25.13
CA GLU B 97 27.10 -21.92 26.32
C GLU B 97 26.08 -22.06 27.42
N ALA B 98 25.64 -23.28 27.67
CA ALA B 98 24.66 -23.54 28.70
C ALA B 98 25.35 -23.54 30.06
N ARG B 99 24.67 -22.94 31.04
CA ARG B 99 25.22 -22.78 32.37
C ARG B 99 24.25 -23.35 33.40
N ASP B 100 24.78 -24.09 34.36
CA ASP B 100 24.02 -24.64 35.46
C ASP B 100 23.90 -23.60 36.58
N GLY B 101 23.43 -24.01 37.75
CA GLY B 101 23.17 -23.06 38.81
C GLY B 101 21.89 -22.29 38.54
N ASN B 102 21.59 -21.33 39.43
CA ASN B 102 20.37 -20.55 39.32
C ASN B 102 20.56 -19.27 38.51
N GLY B 103 21.51 -19.29 37.57
CA GLY B 103 21.72 -18.16 36.69
C GLY B 103 22.80 -17.19 37.11
N GLU B 104 23.72 -17.59 37.99
CA GLU B 104 24.78 -16.69 38.42
C GLU B 104 25.76 -16.50 37.26
N VAL B 105 25.90 -15.26 36.80
CA VAL B 105 26.72 -14.95 35.64
C VAL B 105 28.05 -14.44 36.17
N THR B 106 29.00 -15.35 36.35
CA THR B 106 30.35 -15.04 36.80
C THR B 106 31.35 -15.51 35.74
N ASP B 107 32.64 -15.40 36.06
CA ASP B 107 33.70 -15.86 35.18
C ASP B 107 34.14 -17.28 35.49
N LYS B 108 33.25 -18.09 36.06
CA LYS B 108 33.52 -19.52 36.18
C LYS B 108 33.28 -20.17 34.82
N PRO B 109 34.28 -20.79 34.21
CA PRO B 109 34.11 -21.29 32.84
C PRO B 109 33.25 -22.53 32.80
N VAL B 110 32.33 -22.54 31.84
CA VAL B 110 31.33 -23.61 31.73
C VAL B 110 31.37 -24.09 30.28
N LYS B 111 30.74 -25.23 30.00
CA LYS B 111 30.86 -25.89 28.70
C LYS B 111 30.23 -25.05 27.59
N GLN B 112 30.96 -24.92 26.47
CA GLN B 112 30.48 -24.23 25.29
C GLN B 112 30.19 -25.24 24.19
N ALA B 113 29.00 -25.15 23.63
CA ALA B 113 28.63 -25.92 22.45
C ALA B 113 28.77 -25.05 21.21
N GLN B 114 28.63 -25.68 20.05
CA GLN B 114 28.65 -25.00 18.78
C GLN B 114 27.38 -25.35 18.03
N VAL B 115 26.70 -24.34 17.51
CA VAL B 115 25.46 -24.53 16.78
C VAL B 115 25.65 -23.96 15.37
N GLN B 116 25.59 -24.82 14.38
CA GLN B 116 25.69 -24.43 12.99
C GLN B 116 24.32 -24.56 12.35
N ILE B 117 23.84 -23.47 11.75
CA ILE B 117 22.50 -23.39 11.18
C ILE B 117 22.63 -23.04 9.71
N ARG B 118 22.17 -23.92 8.84
CA ARG B 118 22.05 -23.59 7.43
C ARG B 118 20.64 -23.11 7.15
N ILE B 119 20.50 -22.11 6.29
CA ILE B 119 19.20 -21.60 5.91
C ILE B 119 18.82 -22.19 4.55
N LEU B 120 17.62 -22.73 4.45
CA LEU B 120 17.16 -23.40 3.25
C LEU B 120 16.53 -22.41 2.30
N ASP B 121 17.02 -22.37 1.06
CA ASP B 121 16.58 -21.37 0.11
C ASP B 121 15.18 -21.65 -0.41
N VAL B 122 14.38 -20.59 -0.54
CA VAL B 122 13.13 -20.66 -1.26
C VAL B 122 13.23 -19.77 -2.50
N ASN B 123 12.33 -20.01 -3.45
CA ASN B 123 12.40 -19.34 -4.75
C ASN B 123 11.71 -17.98 -4.63
N ASP B 124 12.40 -17.06 -3.97
CA ASP B 124 11.89 -15.71 -3.79
C ASP B 124 12.58 -14.71 -4.70
N ASN B 125 13.06 -15.16 -5.86
CA ASN B 125 13.70 -14.27 -6.81
C ASN B 125 13.29 -14.69 -8.23
N ILE B 126 12.95 -13.71 -9.05
CA ILE B 126 12.59 -13.94 -10.44
C ILE B 126 13.85 -13.88 -11.28
N PRO B 127 14.09 -14.83 -12.17
CA PRO B 127 15.23 -14.72 -13.09
C PRO B 127 15.06 -13.53 -14.02
N VAL B 128 16.18 -12.91 -14.37
CA VAL B 128 16.18 -11.74 -15.22
C VAL B 128 17.11 -11.99 -16.40
N VAL B 129 16.68 -11.53 -17.58
CA VAL B 129 17.44 -11.69 -18.80
C VAL B 129 18.47 -10.57 -18.86
N GLU B 130 19.75 -10.94 -18.83
CA GLU B 130 20.82 -9.95 -18.76
C GLU B 130 21.00 -9.19 -20.07
N ASN B 131 21.22 -9.91 -21.17
CA ASN B 131 21.30 -9.27 -22.47
C ASN B 131 19.94 -8.72 -22.88
N LYS B 132 19.96 -7.70 -23.73
CA LYS B 132 18.74 -7.04 -24.14
C LYS B 132 18.47 -7.13 -25.63
N VAL B 133 19.51 -7.20 -26.45
CA VAL B 133 19.37 -7.51 -27.87
C VAL B 133 19.85 -8.95 -28.08
N LEU B 134 19.02 -9.73 -28.77
CA LEU B 134 19.30 -11.14 -29.00
C LEU B 134 18.97 -11.46 -30.45
N GLU B 135 19.84 -12.19 -31.12
CA GLU B 135 19.63 -12.41 -32.54
C GLU B 135 20.30 -13.72 -32.97
N GLY B 136 19.65 -14.41 -33.91
CA GLY B 136 20.20 -15.62 -34.46
C GLY B 136 20.10 -15.61 -35.98
N MET B 137 20.86 -16.49 -36.60
CA MET B 137 20.97 -16.56 -38.05
C MET B 137 20.84 -18.01 -38.49
N VAL B 138 20.08 -18.23 -39.57
CA VAL B 138 19.89 -19.56 -40.14
C VAL B 138 20.04 -19.49 -41.65
N GLU B 139 20.37 -20.64 -42.25
CA GLU B 139 20.58 -20.78 -43.68
C GLU B 139 19.72 -21.95 -44.18
N GLU B 140 19.96 -22.41 -45.41
CA GLU B 140 19.30 -23.59 -45.92
C GLU B 140 19.70 -24.84 -45.14
N ASN B 141 18.72 -25.73 -44.95
CA ASN B 141 18.94 -27.10 -44.48
C ASN B 141 19.59 -27.13 -43.10
N GLN B 142 19.33 -26.12 -42.29
CA GLN B 142 19.93 -25.98 -40.98
C GLN B 142 19.01 -26.65 -39.96
N VAL B 143 19.56 -27.52 -39.13
CA VAL B 143 18.83 -28.22 -38.09
C VAL B 143 19.80 -28.49 -36.94
N ASN B 144 19.23 -28.60 -35.73
CA ASN B 144 19.99 -28.88 -34.51
C ASN B 144 21.09 -27.85 -34.27
N VAL B 145 20.73 -26.59 -34.50
CA VAL B 145 21.65 -25.46 -34.34
C VAL B 145 21.26 -24.72 -33.07
N GLU B 146 22.27 -24.42 -32.25
CA GLU B 146 22.10 -23.81 -30.92
C GLU B 146 22.43 -22.33 -30.95
N VAL B 147 21.94 -21.62 -31.95
CA VAL B 147 22.54 -20.38 -32.44
C VAL B 147 22.66 -19.33 -31.33
N THR B 148 21.66 -19.24 -30.46
CA THR B 148 21.70 -18.26 -29.38
C THR B 148 21.47 -18.94 -28.04
N ARG B 149 22.04 -18.34 -27.00
CA ARG B 149 21.87 -18.77 -25.62
C ARG B 149 21.42 -17.57 -24.80
N ILE B 150 20.35 -17.75 -24.03
CA ILE B 150 19.84 -16.68 -23.21
C ILE B 150 20.53 -16.74 -21.86
N LYS B 151 21.10 -15.62 -21.43
CA LYS B 151 21.74 -15.53 -20.12
C LYS B 151 20.71 -15.05 -19.12
N VAL B 152 20.43 -15.86 -18.10
CA VAL B 152 19.52 -15.46 -17.04
C VAL B 152 20.31 -15.37 -15.74
N PHE B 153 19.67 -14.79 -14.74
CA PHE B 153 20.35 -14.51 -13.48
C PHE B 153 19.32 -14.64 -12.36
N ASP B 154 19.35 -15.78 -11.67
CA ASP B 154 18.55 -15.99 -10.49
C ASP B 154 19.47 -15.99 -9.28
N ALA B 155 18.94 -15.56 -8.14
CA ALA B 155 19.74 -15.41 -6.93
C ALA B 155 19.54 -16.54 -5.92
N ASP B 156 18.76 -17.55 -6.23
CA ASP B 156 18.32 -18.52 -5.23
C ASP B 156 19.17 -19.79 -5.31
N GLU B 157 20.34 -19.77 -4.67
CA GLU B 157 21.11 -20.97 -4.37
C GLU B 157 21.53 -21.76 -5.60
N ILE B 158 22.54 -21.27 -6.31
CA ILE B 158 23.06 -21.83 -7.55
C ILE B 158 23.18 -23.35 -7.47
N GLY B 159 22.54 -24.04 -8.41
CA GLY B 159 22.45 -25.48 -8.41
C GLY B 159 21.11 -26.04 -8.02
N SER B 160 20.20 -25.21 -7.50
CA SER B 160 18.91 -25.68 -7.02
C SER B 160 17.83 -25.44 -8.07
N ASP B 161 16.68 -26.08 -7.87
CA ASP B 161 15.54 -25.89 -8.75
C ASP B 161 14.89 -24.52 -8.59
N ASN B 162 15.20 -23.79 -7.53
CA ASN B 162 14.83 -22.40 -7.45
C ASN B 162 15.69 -21.52 -8.35
N TRP B 163 16.75 -22.08 -8.92
CA TRP B 163 17.73 -21.31 -9.68
C TRP B 163 17.77 -21.68 -11.15
N LEU B 164 17.42 -22.90 -11.51
CA LEU B 164 17.38 -23.31 -12.91
C LEU B 164 16.25 -22.58 -13.61
N ALA B 165 16.43 -22.30 -14.90
CA ALA B 165 15.47 -21.52 -15.65
C ALA B 165 14.65 -22.41 -16.57
N ASN B 166 13.33 -22.32 -16.45
CA ASN B 166 12.41 -22.99 -17.35
C ASN B 166 11.94 -21.98 -18.39
N PHE B 167 12.21 -22.27 -19.66
CA PHE B 167 11.86 -21.39 -20.75
C PHE B 167 10.61 -21.89 -21.46
N THR B 168 9.80 -20.96 -21.94
CA THR B 168 8.61 -21.30 -22.69
C THR B 168 8.38 -20.24 -23.75
N PHE B 169 7.73 -20.63 -24.84
CA PHE B 169 7.54 -19.76 -25.98
C PHE B 169 6.26 -18.97 -25.81
N ALA B 170 6.39 -17.65 -25.72
CA ALA B 170 5.21 -16.80 -25.66
C ALA B 170 4.48 -16.80 -27.00
N SER B 171 5.21 -16.59 -28.09
CA SER B 171 4.62 -16.55 -29.41
C SER B 171 5.70 -16.83 -30.44
N GLY B 172 5.26 -17.15 -31.66
CA GLY B 172 6.12 -17.22 -32.81
C GLY B 172 6.55 -18.62 -33.20
N ASN B 173 6.63 -19.54 -32.25
CA ASN B 173 7.00 -20.92 -32.55
C ASN B 173 5.71 -21.73 -32.62
N GLU B 174 4.97 -21.53 -33.71
CA GLU B 174 3.74 -22.28 -33.96
C GLU B 174 3.98 -23.57 -34.72
N GLY B 175 4.91 -23.58 -35.68
CA GLY B 175 5.19 -24.79 -36.42
C GLY B 175 6.07 -25.79 -35.72
N GLY B 176 6.59 -25.43 -34.54
CA GLY B 176 7.47 -26.33 -33.83
C GLY B 176 8.89 -26.27 -34.34
N TYR B 177 9.36 -25.06 -34.64
CA TYR B 177 10.72 -24.88 -35.14
C TYR B 177 11.76 -25.17 -34.07
N PHE B 178 11.59 -24.61 -32.88
CA PHE B 178 12.64 -24.60 -31.87
C PHE B 178 12.20 -25.41 -30.65
N HIS B 179 13.15 -25.71 -29.79
CA HIS B 179 12.91 -26.39 -28.53
C HIS B 179 14.05 -26.03 -27.59
N ILE B 180 13.73 -25.39 -26.47
CA ILE B 180 14.75 -24.81 -25.60
C ILE B 180 15.11 -25.82 -24.52
N GLU B 181 16.41 -26.09 -24.40
CA GLU B 181 16.96 -26.85 -23.29
C GLU B 181 17.75 -25.90 -22.40
N THR B 182 17.79 -26.21 -21.11
CA THR B 182 18.44 -25.36 -20.12
C THR B 182 19.71 -26.04 -19.61
N ASP B 183 20.85 -25.35 -19.76
CA ASP B 183 22.06 -25.80 -19.12
C ASP B 183 21.97 -25.61 -17.62
N ALA B 184 22.51 -26.57 -16.86
CA ALA B 184 22.52 -26.46 -15.41
C ALA B 184 23.85 -25.94 -14.88
N GLN B 185 24.90 -25.96 -15.69
CA GLN B 185 26.20 -25.48 -15.22
C GLN B 185 26.27 -23.96 -15.18
N THR B 186 25.46 -23.28 -15.99
CA THR B 186 25.57 -21.85 -16.14
C THR B 186 24.19 -21.18 -16.10
N ASN B 187 23.11 -21.97 -16.19
CA ASN B 187 21.74 -21.49 -16.31
C ASN B 187 21.56 -20.63 -17.57
N GLU B 188 21.80 -21.28 -18.71
CA GLU B 188 21.75 -20.66 -20.02
C GLU B 188 20.50 -21.07 -20.78
N GLY B 189 20.04 -20.17 -21.65
CA GLY B 189 18.90 -20.45 -22.50
C GLY B 189 19.25 -21.03 -23.85
N ILE B 190 19.67 -22.29 -23.88
CA ILE B 190 20.11 -22.94 -25.11
C ILE B 190 18.87 -23.25 -25.94
N VAL B 191 18.70 -22.55 -27.06
CA VAL B 191 17.67 -22.90 -28.02
C VAL B 191 18.23 -23.94 -28.95
N THR B 192 17.37 -24.62 -29.69
CA THR B 192 17.75 -25.53 -30.74
C THR B 192 16.89 -25.30 -31.98
N LEU B 193 17.25 -25.98 -33.06
CA LEU B 193 16.57 -25.82 -34.35
C LEU B 193 16.15 -27.20 -34.84
N ILE B 194 14.87 -27.37 -35.13
CA ILE B 194 14.35 -28.67 -35.52
C ILE B 194 13.74 -28.63 -36.92
N LYS B 195 13.37 -27.44 -37.40
CA LYS B 195 12.76 -27.35 -38.72
C LYS B 195 13.68 -26.59 -39.64
N GLU B 196 13.81 -27.09 -40.86
CA GLU B 196 14.73 -26.52 -41.86
C GLU B 196 13.99 -25.47 -42.70
N VAL B 197 14.62 -24.31 -42.85
CA VAL B 197 14.04 -23.18 -43.57
C VAL B 197 14.98 -22.80 -44.70
N ASP B 198 14.41 -22.64 -45.90
CA ASP B 198 15.16 -22.13 -47.05
C ASP B 198 15.52 -20.67 -46.81
N TYR B 199 16.83 -20.35 -46.84
CA TYR B 199 17.22 -18.96 -46.68
C TYR B 199 16.91 -18.14 -47.91
N GLU B 200 16.79 -18.77 -49.07
CA GLU B 200 16.36 -18.10 -50.28
C GLU B 200 14.88 -17.77 -50.27
N GLU B 201 14.12 -18.28 -49.30
CA GLU B 201 12.76 -17.81 -49.11
C GLU B 201 12.74 -16.40 -48.53
N MET B 202 13.83 -15.99 -47.88
CA MET B 202 13.99 -14.65 -47.29
C MET B 202 12.86 -14.33 -46.31
N LYS B 203 12.48 -15.32 -45.51
CA LYS B 203 11.36 -15.22 -44.59
C LYS B 203 11.85 -14.71 -43.24
N ASN B 204 11.03 -14.85 -42.21
CA ASN B 204 11.42 -14.52 -40.84
C ASN B 204 10.93 -15.61 -39.91
N LEU B 205 11.67 -15.80 -38.82
CA LEU B 205 11.34 -16.77 -37.78
C LEU B 205 11.28 -16.07 -36.43
N ASP B 206 10.65 -14.90 -36.40
CA ASP B 206 10.58 -14.08 -35.20
C ASP B 206 9.69 -14.75 -34.16
N PHE B 207 10.11 -14.68 -32.90
CA PHE B 207 9.39 -15.30 -31.80
C PHE B 207 9.82 -14.65 -30.50
N SER B 208 9.28 -15.12 -29.38
CA SER B 208 9.63 -14.55 -28.09
C SER B 208 9.51 -15.62 -27.03
N VAL B 209 10.22 -15.42 -25.92
CA VAL B 209 10.38 -16.41 -24.87
C VAL B 209 9.98 -15.79 -23.54
N ILE B 210 9.30 -16.58 -22.71
CA ILE B 210 9.01 -16.23 -21.34
C ILE B 210 9.90 -17.09 -20.46
N VAL B 211 10.63 -16.46 -19.55
CA VAL B 211 11.59 -17.16 -18.71
C VAL B 211 11.06 -17.21 -17.28
N ALA B 212 11.21 -18.36 -16.63
CA ALA B 212 10.82 -18.54 -15.24
C ALA B 212 11.66 -19.67 -14.66
N ASN B 213 11.66 -19.77 -13.33
CA ASN B 213 12.41 -20.83 -12.68
C ASN B 213 11.76 -22.18 -12.92
N LYS B 214 12.58 -23.23 -12.83
CA LYS B 214 12.07 -24.59 -13.00
C LYS B 214 11.10 -24.96 -11.89
N ALA B 215 11.42 -24.59 -10.65
CA ALA B 215 10.47 -24.72 -9.58
C ALA B 215 9.51 -23.52 -9.59
N ALA B 216 8.37 -23.69 -8.92
CA ALA B 216 7.40 -22.62 -8.86
C ALA B 216 7.88 -21.52 -7.92
N PHE B 217 7.38 -20.32 -8.15
CA PHE B 217 7.80 -19.18 -7.35
C PHE B 217 7.17 -19.26 -5.97
N HIS B 218 7.64 -18.39 -5.07
CA HIS B 218 7.22 -18.44 -3.68
C HIS B 218 5.91 -17.67 -3.48
N LYS B 219 5.57 -17.44 -2.22
CA LYS B 219 4.42 -16.65 -1.83
C LYS B 219 4.46 -15.26 -2.42
N SER B 220 5.52 -14.50 -2.11
CA SER B 220 5.49 -13.06 -2.27
C SER B 220 5.78 -12.61 -3.69
N ILE B 221 6.34 -13.47 -4.52
CA ILE B 221 6.68 -13.06 -5.88
C ILE B 221 5.78 -13.70 -6.93
N ARG B 222 5.03 -14.74 -6.59
CA ARG B 222 3.82 -15.02 -7.35
C ARG B 222 2.82 -13.89 -7.09
N SER B 223 1.98 -13.63 -8.08
CA SER B 223 1.03 -12.53 -8.18
C SER B 223 1.71 -11.18 -8.35
N LYS B 224 3.04 -11.12 -8.32
CA LYS B 224 3.80 -9.96 -8.76
C LYS B 224 4.65 -10.27 -9.97
N TYR B 225 4.67 -11.52 -10.39
CA TYR B 225 5.45 -11.96 -11.53
C TYR B 225 4.68 -11.62 -12.79
N LYS B 226 5.10 -10.56 -13.46
CA LYS B 226 4.51 -10.15 -14.73
C LYS B 226 5.54 -10.31 -15.82
N PRO B 227 5.54 -11.43 -16.54
CA PRO B 227 6.61 -11.69 -17.51
C PRO B 227 6.38 -10.92 -18.80
N THR B 228 7.36 -10.12 -19.17
CA THR B 228 7.43 -9.49 -20.47
C THR B 228 8.19 -10.39 -21.43
N PRO B 229 7.66 -10.66 -22.61
CA PRO B 229 8.36 -11.54 -23.56
C PRO B 229 9.67 -10.95 -24.02
N ILE B 230 10.58 -11.83 -24.41
CA ILE B 230 11.92 -11.44 -24.86
C ILE B 230 11.96 -11.58 -26.38
N PRO B 231 11.94 -10.49 -27.13
CA PRO B 231 11.81 -10.61 -28.58
C PRO B 231 13.08 -11.05 -29.27
N ILE B 232 13.31 -12.36 -29.32
CA ILE B 232 14.44 -12.91 -30.07
C ILE B 232 14.10 -12.87 -31.55
N LYS B 233 14.98 -12.27 -32.34
CA LYS B 233 14.78 -12.13 -33.78
C LYS B 233 15.75 -13.05 -34.51
N VAL B 234 15.23 -13.91 -35.37
CA VAL B 234 16.04 -14.85 -36.14
C VAL B 234 15.85 -14.52 -37.62
N LYS B 235 16.85 -13.89 -38.21
CA LYS B 235 16.81 -13.60 -39.63
C LYS B 235 17.05 -14.90 -40.42
N VAL B 236 16.36 -15.03 -41.53
CA VAL B 236 16.45 -16.24 -42.33
C VAL B 236 17.44 -16.04 -43.48
N ASP C 16 -33.60 8.60 15.48
CA ASP C 16 -33.47 9.15 14.14
C ASP C 16 -32.12 8.81 13.53
N ASP C 17 -32.15 8.24 12.32
CA ASP C 17 -30.94 7.91 11.60
C ASP C 17 -30.48 9.04 10.71
N ASN C 18 -31.20 10.17 10.69
CA ASN C 18 -30.74 11.32 9.93
C ASN C 18 -29.62 12.05 10.65
N ILE C 19 -29.64 12.09 11.98
CA ILE C 19 -28.66 12.85 12.74
C ILE C 19 -27.34 12.11 12.88
N ASN C 20 -27.21 10.93 12.28
CA ASN C 20 -25.94 10.21 12.28
C ASN C 20 -25.09 10.56 11.09
N THR C 21 -25.48 11.57 10.32
CA THR C 21 -24.78 11.86 9.08
C THR C 21 -24.58 13.37 8.97
N LEU C 22 -23.37 13.79 8.62
CA LEU C 22 -22.99 15.19 8.50
C LEU C 22 -22.29 15.35 7.15
N TRP C 23 -22.84 16.19 6.27
CA TRP C 23 -22.53 15.97 4.87
C TRP C 23 -22.97 17.18 4.06
N THR C 24 -22.43 17.27 2.84
CA THR C 24 -22.50 18.47 2.02
C THR C 24 -23.75 18.61 1.17
N GLY C 25 -24.65 17.64 1.21
CA GLY C 25 -25.66 17.57 0.18
C GLY C 25 -25.21 16.61 -0.89
N VAL C 26 -26.16 16.20 -1.71
CA VAL C 26 -25.89 15.38 -2.88
C VAL C 26 -26.09 16.25 -4.09
N ASN C 27 -25.02 16.43 -4.88
CA ASN C 27 -25.03 17.26 -6.08
C ASN C 27 -25.56 18.66 -5.79
N PRO C 28 -24.81 19.52 -5.12
CA PRO C 28 -25.29 20.87 -4.84
C PRO C 28 -25.50 21.63 -6.13
N THR C 29 -26.47 22.54 -6.10
CA THR C 29 -26.84 23.26 -7.31
C THR C 29 -25.72 24.18 -7.79
N THR C 30 -24.85 24.62 -6.90
CA THR C 30 -23.69 25.43 -7.24
C THR C 30 -22.46 24.84 -6.58
N ALA C 31 -21.29 25.33 -7.01
CA ALA C 31 -20.04 24.92 -6.41
C ALA C 31 -19.95 25.46 -4.99
N ASN C 32 -19.60 24.58 -4.05
CA ASN C 32 -19.51 24.98 -2.65
C ASN C 32 -18.10 24.97 -2.12
N CYS C 33 -17.10 24.72 -2.95
CA CYS C 33 -15.74 24.61 -2.48
C CYS C 33 -14.82 25.43 -3.36
N GLN C 34 -13.79 25.99 -2.76
CA GLN C 34 -12.77 26.74 -3.48
C GLN C 34 -11.44 26.06 -3.19
N ILE C 35 -11.10 25.06 -3.99
CA ILE C 35 -9.87 24.28 -3.76
C ILE C 35 -8.65 25.13 -4.06
N MET C 36 -8.63 25.75 -5.24
CA MET C 36 -7.46 26.51 -5.66
C MET C 36 -7.58 27.96 -5.20
N ALA C 37 -6.47 28.50 -4.71
CA ALA C 37 -6.43 29.89 -4.30
C ALA C 37 -6.44 30.84 -5.49
N SER C 38 -6.05 30.37 -6.67
CA SER C 38 -6.13 31.19 -7.87
C SER C 38 -7.56 31.48 -8.27
N SER C 39 -8.50 30.62 -7.91
CA SER C 39 -9.90 30.88 -8.20
C SER C 39 -10.42 32.02 -7.32
N GLU C 40 -11.14 32.93 -7.93
CA GLU C 40 -11.73 34.07 -7.23
C GLU C 40 -13.04 33.72 -6.53
N SER C 41 -13.66 32.61 -6.90
CA SER C 41 -14.89 32.16 -6.28
C SER C 41 -14.80 30.65 -6.10
N ASN C 42 -15.93 30.04 -5.75
CA ASN C 42 -15.97 28.59 -5.64
C ASN C 42 -15.80 27.97 -7.01
N ASP C 43 -14.94 26.97 -7.10
CA ASP C 43 -14.58 26.40 -8.38
C ASP C 43 -14.90 24.92 -8.53
N CYS C 44 -15.41 24.28 -7.48
CA CYS C 44 -15.72 22.86 -7.58
C CYS C 44 -16.80 22.52 -6.57
N LYS C 45 -17.42 21.37 -6.78
CA LYS C 45 -18.34 20.80 -5.81
C LYS C 45 -17.57 19.78 -4.98
N LEU C 46 -17.57 19.99 -3.67
CA LEU C 46 -16.99 19.03 -2.74
C LEU C 46 -18.12 18.23 -2.10
N ILE C 47 -18.06 16.92 -2.24
CA ILE C 47 -19.03 16.04 -1.62
C ILE C 47 -18.32 15.34 -0.48
N LEU C 48 -18.81 15.55 0.73
CA LEU C 48 -18.26 14.93 1.92
C LEU C 48 -19.42 14.31 2.69
N THR C 49 -19.14 13.21 3.37
CA THR C 49 -20.15 12.57 4.21
C THR C 49 -19.44 11.96 5.41
N LEU C 50 -19.89 12.32 6.60
CA LEU C 50 -19.38 11.76 7.84
C LEU C 50 -20.51 10.99 8.51
N VAL C 51 -20.29 9.71 8.77
CA VAL C 51 -21.30 8.86 9.40
C VAL C 51 -20.71 8.27 10.66
N LYS C 52 -21.41 8.43 11.78
CA LYS C 52 -20.98 7.87 13.06
C LYS C 52 -21.12 6.34 13.01
N THR C 53 -20.00 5.64 13.03
CA THR C 53 -19.98 4.19 13.01
C THR C 53 -19.44 3.72 14.36
N GLY C 54 -20.33 3.58 15.34
CA GLY C 54 -19.93 3.16 16.67
C GLY C 54 -18.99 4.15 17.32
N ALA C 55 -17.72 3.78 17.45
CA ALA C 55 -16.69 4.69 17.90
C ALA C 55 -15.87 5.25 16.76
N LEU C 56 -16.20 4.93 15.52
CA LEU C 56 -15.50 5.43 14.36
C LEU C 56 -16.40 6.36 13.57
N VAL C 57 -15.80 7.09 12.64
CA VAL C 57 -16.55 7.85 11.65
C VAL C 57 -16.19 7.30 10.28
N THR C 58 -17.20 6.85 9.56
CA THR C 58 -17.03 6.48 8.16
C THR C 58 -17.08 7.75 7.31
N ALA C 59 -15.92 8.20 6.86
CA ALA C 59 -15.81 9.46 6.14
C ALA C 59 -15.72 9.19 4.65
N PHE C 60 -16.53 9.89 3.88
CA PHE C 60 -16.82 9.53 2.48
C PHE C 60 -16.73 10.81 1.66
N VAL C 61 -15.66 10.97 0.90
CA VAL C 61 -15.36 12.25 0.27
C VAL C 61 -14.95 12.05 -1.19
N TYR C 62 -15.37 12.99 -2.04
CA TYR C 62 -14.84 13.13 -3.39
C TYR C 62 -15.22 14.51 -3.90
N VAL C 63 -14.60 14.91 -5.00
CA VAL C 63 -14.78 16.24 -5.57
C VAL C 63 -15.35 16.13 -6.97
N ILE C 64 -16.05 17.18 -7.39
CA ILE C 64 -16.56 17.31 -8.74
C ILE C 64 -16.12 18.67 -9.25
N GLY C 65 -15.40 18.69 -10.37
CA GLY C 65 -14.90 19.93 -10.90
C GLY C 65 -16.00 20.75 -11.56
N VAL C 66 -15.91 22.06 -11.39
CA VAL C 66 -16.92 22.96 -11.94
C VAL C 66 -16.27 23.98 -12.86
N SER C 67 -15.32 24.75 -12.34
CA SER C 67 -14.72 25.81 -13.13
C SER C 67 -13.79 25.23 -14.18
N ASN C 68 -13.65 25.97 -15.28
CA ASN C 68 -12.83 25.52 -16.41
C ASN C 68 -11.36 25.40 -16.03
N ASP C 69 -10.87 26.31 -15.21
CA ASP C 69 -9.49 26.20 -14.72
C ASP C 69 -9.33 24.95 -13.87
N PHE C 70 -10.32 24.63 -13.03
CA PHE C 70 -10.25 23.43 -12.23
C PHE C 70 -10.33 22.16 -13.06
N ASN C 71 -11.25 22.11 -14.02
CA ASN C 71 -11.34 20.95 -14.90
C ASN C 71 -10.15 20.85 -15.85
N MET C 72 -9.41 21.93 -16.03
CA MET C 72 -8.22 21.91 -16.87
C MET C 72 -7.10 21.09 -16.25
N LEU C 73 -7.22 20.75 -14.96
CA LEU C 73 -6.17 20.03 -14.26
C LEU C 73 -5.91 18.64 -14.84
N THR C 74 -6.92 18.02 -15.45
CA THR C 74 -6.76 16.69 -16.01
C THR C 74 -5.81 16.67 -17.19
N THR C 75 -5.47 17.83 -17.76
CA THR C 75 -4.59 17.88 -18.91
C THR C 75 -3.11 17.93 -18.53
N HIS C 76 -2.79 18.00 -17.24
CA HIS C 76 -1.41 17.98 -16.78
C HIS C 76 -1.12 16.66 -16.08
N LYS C 77 0.18 16.40 -15.89
CA LYS C 77 0.65 15.12 -15.37
C LYS C 77 0.97 15.16 -13.88
N ASN C 78 1.21 16.34 -13.31
CA ASN C 78 1.63 16.47 -11.92
C ASN C 78 0.63 17.39 -11.23
N ILE C 79 -0.37 16.79 -10.60
CA ILE C 79 -1.48 17.51 -9.99
C ILE C 79 -1.45 17.25 -8.50
N ASN C 80 -1.69 18.29 -7.72
CA ASN C 80 -1.65 18.18 -6.26
C ASN C 80 -2.58 19.28 -5.76
N PHE C 81 -3.77 18.89 -5.31
CA PHE C 81 -4.69 19.85 -4.73
C PHE C 81 -5.23 19.28 -3.43
N THR C 82 -5.57 20.17 -2.51
CA THR C 82 -5.92 19.77 -1.15
C THR C 82 -7.14 20.54 -0.69
N ALA C 83 -7.87 19.95 0.25
CA ALA C 83 -9.00 20.58 0.88
C ALA C 83 -8.73 20.72 2.37
N GLU C 84 -8.88 21.93 2.90
CA GLU C 84 -8.74 22.20 4.32
C GLU C 84 -10.12 22.27 4.94
N LEU C 85 -10.32 21.53 6.02
CA LEU C 85 -11.54 21.64 6.80
C LEU C 85 -11.15 21.96 8.23
N PHE C 86 -11.45 23.17 8.66
CA PHE C 86 -11.18 23.60 10.02
C PHE C 86 -12.50 23.71 10.75
N PHE C 87 -12.52 23.27 12.01
CA PHE C 87 -13.75 23.22 12.77
C PHE C 87 -13.53 23.85 14.14
N ASP C 88 -14.58 24.47 14.65
CA ASP C 88 -14.49 25.20 15.90
C ASP C 88 -14.50 24.23 17.07
N SER C 89 -14.64 24.76 18.29
CA SER C 89 -14.70 23.90 19.47
C SER C 89 -15.98 23.09 19.52
N THR C 90 -17.03 23.53 18.84
CA THR C 90 -18.29 22.80 18.83
C THR C 90 -18.45 21.87 17.64
N GLY C 91 -17.52 21.91 16.69
CA GLY C 91 -17.60 21.08 15.51
C GLY C 91 -18.13 21.77 14.27
N ASN C 92 -18.66 22.98 14.39
CA ASN C 92 -19.15 23.70 13.23
C ASN C 92 -17.97 24.16 12.37
N LEU C 93 -18.17 24.07 11.06
CA LEU C 93 -17.13 24.41 10.10
C LEU C 93 -16.82 25.90 10.15
N LEU C 94 -15.53 26.23 10.08
CA LEU C 94 -15.09 27.62 9.94
C LEU C 94 -14.96 27.91 8.46
N THR C 95 -16.01 28.48 7.87
CA THR C 95 -16.10 28.62 6.43
C THR C 95 -15.08 29.60 5.86
N SER C 96 -14.72 30.64 6.61
CA SER C 96 -13.77 31.62 6.08
C SER C 96 -12.37 31.05 5.93
N LEU C 97 -12.01 30.03 6.71
CA LEU C 97 -10.70 29.43 6.63
C LEU C 97 -10.66 28.14 5.83
N SER C 98 -11.80 27.45 5.72
CA SER C 98 -11.84 26.14 5.11
C SER C 98 -11.95 26.23 3.60
N SER C 99 -11.66 25.12 2.93
CA SER C 99 -11.89 25.05 1.49
C SER C 99 -13.38 25.03 1.18
N LEU C 100 -14.14 24.23 1.91
CA LEU C 100 -15.58 24.17 1.75
C LEU C 100 -16.21 25.40 2.36
N LYS C 101 -16.93 26.17 1.56
CA LYS C 101 -17.48 27.45 2.00
C LYS C 101 -18.93 27.36 2.44
N THR C 102 -19.51 26.16 2.48
CA THR C 102 -20.86 25.98 2.93
C THR C 102 -20.89 24.98 4.08
N PRO C 103 -21.42 25.34 5.24
CA PRO C 103 -21.32 24.46 6.41
C PRO C 103 -22.07 23.16 6.23
N LEU C 104 -21.58 22.12 6.88
CA LEU C 104 -22.20 20.82 6.81
C LEU C 104 -23.50 20.81 7.60
N ASN C 105 -24.33 19.81 7.34
CA ASN C 105 -25.59 19.67 8.06
C ASN C 105 -26.03 18.21 8.01
N HIS C 106 -27.12 17.92 8.70
CA HIS C 106 -27.60 16.56 8.82
C HIS C 106 -28.37 16.15 7.57
N LYS C 107 -29.02 14.99 7.63
CA LYS C 107 -29.61 14.40 6.44
C LYS C 107 -31.08 14.75 6.33
N SER C 108 -31.46 15.29 5.17
CA SER C 108 -32.85 15.57 4.83
C SER C 108 -32.99 15.11 3.39
N GLY C 109 -33.30 13.83 3.21
CA GLY C 109 -33.39 13.27 1.87
C GLY C 109 -32.05 13.23 1.17
N GLN C 110 -31.99 13.77 -0.03
CA GLN C 110 -30.74 13.94 -0.76
C GLN C 110 -30.10 15.30 -0.50
N ASN C 111 -30.63 16.05 0.45
CA ASN C 111 -30.24 17.43 0.69
C ASN C 111 -29.77 17.61 2.12
N MET C 112 -29.00 18.66 2.33
CA MET C 112 -28.64 19.11 3.65
C MET C 112 -29.87 19.52 4.43
N ALA C 113 -29.84 19.28 5.74
CA ALA C 113 -30.87 19.82 6.62
C ALA C 113 -30.67 21.32 6.78
N THR C 114 -31.66 21.97 7.38
CA THR C 114 -31.64 23.42 7.52
C THR C 114 -31.44 23.91 8.94
N GLY C 115 -31.66 23.06 9.94
CA GLY C 115 -31.58 23.48 11.33
C GLY C 115 -30.14 23.59 11.81
N ALA C 116 -30.00 23.62 13.14
CA ALA C 116 -28.68 23.65 13.76
C ALA C 116 -28.09 22.24 13.79
N LEU C 117 -26.94 22.10 14.43
CA LEU C 117 -26.26 20.82 14.48
C LEU C 117 -26.43 20.19 15.87
N THR C 118 -26.93 18.97 15.89
CA THR C 118 -27.14 18.22 17.12
C THR C 118 -25.95 17.30 17.33
N ASN C 119 -25.13 17.63 18.32
CA ASN C 119 -23.91 16.91 18.67
C ASN C 119 -22.98 16.77 17.46
N ALA C 120 -22.59 17.94 16.95
CA ALA C 120 -21.60 17.98 15.88
C ALA C 120 -20.22 17.59 16.35
N LYS C 121 -19.95 17.72 17.65
CA LYS C 121 -18.62 17.44 18.18
C LYS C 121 -18.28 15.97 18.12
N GLY C 122 -19.29 15.10 18.08
CA GLY C 122 -19.05 13.68 18.00
C GLY C 122 -18.49 13.23 16.67
N PHE C 123 -18.57 14.05 15.63
CA PHE C 123 -18.06 13.66 14.33
C PHE C 123 -16.58 13.97 14.16
N MET C 124 -15.97 14.63 15.12
CA MET C 124 -14.64 15.19 14.91
C MET C 124 -13.56 14.14 15.12
N PRO C 125 -12.41 14.29 14.48
CA PRO C 125 -11.27 13.43 14.81
C PRO C 125 -10.80 13.72 16.22
N SER C 126 -10.77 12.66 17.03
CA SER C 126 -10.52 12.80 18.46
C SER C 126 -9.11 13.28 18.74
N THR C 127 -8.99 14.19 19.71
CA THR C 127 -7.68 14.70 20.07
C THR C 127 -6.87 13.70 20.87
N THR C 128 -7.52 12.77 21.58
CA THR C 128 -6.78 11.73 22.28
C THR C 128 -6.10 10.80 21.29
N ALA C 129 -6.79 10.41 20.23
CA ALA C 129 -6.18 9.59 19.21
C ALA C 129 -5.29 10.42 18.29
N TYR C 130 -5.68 11.67 18.04
CA TYR C 130 -4.96 12.54 17.11
C TYR C 130 -4.68 13.87 17.80
N PRO C 131 -3.54 13.99 18.46
CA PRO C 131 -3.23 15.20 19.21
C PRO C 131 -2.63 16.30 18.34
N PHE C 132 -2.64 17.50 18.88
CA PHE C 132 -2.04 18.65 18.23
C PHE C 132 -0.61 18.83 18.73
N ASN C 133 0.32 18.95 17.78
CA ASN C 133 1.70 19.39 18.05
C ASN C 133 2.42 18.49 19.05
N VAL C 134 2.18 17.18 18.97
CA VAL C 134 2.93 16.20 19.76
C VAL C 134 3.85 15.47 18.79
N ASN C 135 5.14 15.81 18.83
CA ASN C 135 6.09 15.25 17.90
C ASN C 135 6.37 13.77 18.15
N SER C 136 6.27 13.33 19.40
CA SER C 136 6.45 11.91 19.70
C SER C 136 5.30 11.07 19.16
N ARG C 137 4.15 11.67 18.90
CA ARG C 137 2.99 10.97 18.39
C ARG C 137 2.56 11.53 17.05
N GLU C 138 3.54 11.90 16.22
CA GLU C 138 3.25 12.53 14.94
C GLU C 138 2.56 11.57 13.98
N LYS C 139 2.99 10.32 13.93
CA LYS C 139 2.58 9.39 12.90
C LYS C 139 1.13 8.94 13.01
N GLU C 140 0.47 9.15 14.15
CA GLU C 140 -0.90 8.70 14.27
C GLU C 140 -1.90 9.56 13.53
N ASN C 141 -1.49 10.73 13.04
CA ASN C 141 -2.41 11.66 12.41
C ASN C 141 -2.57 11.44 10.91
N TYR C 142 -1.92 10.43 10.34
CA TYR C 142 -1.83 10.27 8.90
C TYR C 142 -2.70 9.10 8.47
N ILE C 143 -3.48 9.30 7.40
CA ILE C 143 -4.32 8.28 6.81
C ILE C 143 -4.12 8.33 5.31
N TYR C 144 -3.92 7.18 4.67
CA TYR C 144 -3.65 7.14 3.25
C TYR C 144 -4.66 6.23 2.55
N GLY C 145 -4.66 6.34 1.23
CA GLY C 145 -5.60 5.58 0.43
C GLY C 145 -5.44 5.92 -1.04
N THR C 146 -6.45 5.53 -1.82
CA THR C 146 -6.40 5.71 -3.27
C THR C 146 -7.82 5.83 -3.79
N CYS C 147 -8.05 6.84 -4.62
CA CYS C 147 -9.26 6.92 -5.42
C CYS C 147 -8.86 6.90 -6.89
N TYR C 148 -9.85 7.00 -7.77
CA TYR C 148 -9.58 6.93 -9.19
C TYR C 148 -10.30 8.04 -9.92
N TYR C 149 -9.81 8.32 -11.12
CA TYR C 149 -10.45 9.23 -12.06
C TYR C 149 -10.74 8.45 -13.32
N THR C 150 -12.01 8.29 -13.66
CA THR C 150 -12.40 7.63 -14.89
C THR C 150 -12.19 8.60 -16.05
N ALA C 151 -11.36 8.21 -17.01
CA ALA C 151 -11.05 9.08 -18.14
C ALA C 151 -12.25 9.12 -19.09
N SER C 152 -12.12 9.93 -20.14
CA SER C 152 -13.20 10.05 -21.12
C SER C 152 -13.35 8.80 -21.96
N ASP C 153 -12.31 7.97 -22.03
CA ASP C 153 -12.37 6.66 -22.67
C ASP C 153 -12.55 5.52 -21.67
N HIS C 154 -13.02 5.84 -20.46
CA HIS C 154 -13.28 4.88 -19.39
C HIS C 154 -12.01 4.16 -18.95
N THR C 155 -10.96 4.93 -18.74
CA THR C 155 -9.71 4.46 -18.15
C THR C 155 -9.63 5.01 -16.73
N ALA C 156 -9.32 4.15 -15.77
CA ALA C 156 -9.23 4.58 -14.39
C ALA C 156 -7.79 4.97 -14.07
N PHE C 157 -7.60 6.22 -13.66
CA PHE C 157 -6.28 6.68 -13.26
C PHE C 157 -6.23 6.76 -11.74
N PRO C 158 -5.38 5.98 -11.08
CA PRO C 158 -5.34 6.01 -9.62
C PRO C 158 -4.80 7.34 -9.10
N ILE C 159 -5.47 7.86 -8.08
CA ILE C 159 -5.11 9.12 -7.45
C ILE C 159 -4.77 8.82 -6.01
N ASP C 160 -3.59 9.23 -5.58
CA ASP C 160 -3.17 9.01 -4.21
C ASP C 160 -3.80 10.04 -3.29
N ILE C 161 -4.34 9.58 -2.18
CA ILE C 161 -4.99 10.45 -1.20
C ILE C 161 -4.25 10.35 0.10
N SER C 162 -3.93 11.50 0.68
CA SER C 162 -3.40 11.58 2.02
C SER C 162 -4.37 12.37 2.87
N VAL C 163 -4.83 11.77 3.96
CA VAL C 163 -5.72 12.43 4.91
C VAL C 163 -4.92 12.74 6.16
N MET C 164 -5.10 13.93 6.69
CA MET C 164 -4.27 14.40 7.78
C MET C 164 -5.19 15.01 8.83
N LEU C 165 -5.04 14.58 10.07
CA LEU C 165 -6.02 14.86 11.12
C LEU C 165 -5.36 15.67 12.23
N ASN C 166 -6.00 16.78 12.60
CA ASN C 166 -5.64 17.58 13.77
C ASN C 166 -4.17 18.02 13.78
N GLN C 167 -3.72 18.53 12.63
CA GLN C 167 -2.36 19.04 12.60
C GLN C 167 -2.25 20.47 13.10
N ARG C 168 -3.15 21.35 12.68
CA ARG C 168 -2.89 22.76 12.81
C ARG C 168 -4.10 23.48 13.35
N ALA C 169 -3.85 24.48 14.17
CA ALA C 169 -4.84 25.49 14.52
C ALA C 169 -4.34 26.82 13.99
N LEU C 170 -5.02 27.35 12.97
CA LEU C 170 -4.60 28.61 12.39
C LEU C 170 -4.82 29.77 13.34
N ASN C 171 -5.70 29.62 14.31
CA ASN C 171 -5.90 30.62 15.34
C ASN C 171 -6.21 29.87 16.64
N ASN C 172 -6.68 30.59 17.64
CA ASN C 172 -7.18 29.93 18.84
C ASN C 172 -8.59 29.39 18.64
N GLU C 173 -9.21 29.66 17.50
CA GLU C 173 -10.59 29.26 17.30
C GLU C 173 -10.65 27.83 16.79
N THR C 174 -9.73 27.46 15.91
CA THR C 174 -9.72 26.12 15.31
C THR C 174 -9.40 25.06 16.35
N SER C 175 -10.28 24.07 16.48
CA SER C 175 -10.07 22.96 17.40
C SER C 175 -9.86 21.63 16.72
N TYR C 176 -10.33 21.45 15.49
CA TYR C 176 -10.16 20.22 14.76
C TYR C 176 -9.85 20.54 13.31
N CYS C 177 -8.98 19.74 12.71
CA CYS C 177 -8.53 19.98 11.36
C CYS C 177 -8.58 18.67 10.60
N ILE C 178 -9.14 18.71 9.39
CA ILE C 178 -9.08 17.59 8.47
C ILE C 178 -8.52 18.11 7.16
N ARG C 179 -7.40 17.55 6.73
CA ARG C 179 -6.79 17.86 5.45
C ARG C 179 -6.84 16.64 4.56
N VAL C 180 -7.50 16.75 3.42
CA VAL C 180 -7.52 15.72 2.40
C VAL C 180 -6.77 16.24 1.19
N THR C 181 -5.82 15.46 0.69
CA THR C 181 -4.99 15.89 -0.43
C THR C 181 -5.03 14.84 -1.53
N TRP C 182 -5.53 15.23 -2.69
CA TRP C 182 -5.48 14.37 -3.86
C TRP C 182 -4.24 14.71 -4.67
N SER C 183 -3.64 13.69 -5.27
CA SER C 183 -2.41 13.90 -6.02
C SER C 183 -2.20 12.73 -6.97
N TRP C 184 -1.67 13.02 -8.16
CA TRP C 184 -1.18 11.96 -9.02
C TRP C 184 0.14 12.37 -9.65
N ASN C 185 0.92 11.35 -10.02
CA ASN C 185 2.10 11.51 -10.87
C ASN C 185 2.00 10.40 -11.91
N THR C 186 1.29 10.67 -13.00
CA THR C 186 1.08 9.66 -14.03
C THR C 186 2.13 9.81 -15.12
N GLY C 187 2.10 8.88 -16.06
CA GLY C 187 3.01 8.91 -17.19
C GLY C 187 2.53 9.83 -18.29
N VAL C 188 1.24 9.77 -18.58
CA VAL C 188 0.61 10.71 -19.49
C VAL C 188 -0.50 11.44 -18.75
N ALA C 189 -0.90 12.58 -19.31
CA ALA C 189 -2.07 13.26 -18.79
C ALA C 189 -3.31 12.42 -19.05
N PRO C 190 -4.26 12.40 -18.10
CA PRO C 190 -5.50 11.66 -18.35
C PRO C 190 -6.28 12.15 -19.55
N GLU C 191 -6.28 13.45 -19.83
CA GLU C 191 -7.04 14.00 -20.95
C GLU C 191 -6.16 14.94 -21.76
N VAL C 192 -6.72 15.42 -22.86
CA VAL C 192 -6.14 16.53 -23.62
C VAL C 192 -7.09 17.70 -23.49
N GLN C 193 -6.72 18.85 -24.07
CA GLN C 193 -7.52 20.06 -23.91
C GLN C 193 -8.89 19.92 -24.53
N THR C 194 -9.00 19.21 -25.65
CA THR C 194 -10.31 19.00 -26.27
C THR C 194 -11.15 17.99 -25.52
N SER C 195 -10.53 16.96 -24.94
CA SER C 195 -11.25 15.89 -24.29
C SER C 195 -11.50 16.13 -22.81
N ALA C 196 -10.92 17.17 -22.24
CA ALA C 196 -11.11 17.45 -20.81
C ALA C 196 -12.52 17.97 -20.60
N THR C 197 -13.34 17.22 -19.86
CA THR C 197 -14.72 17.59 -19.61
C THR C 197 -14.96 17.97 -18.16
N THR C 198 -14.67 17.08 -17.23
CA THR C 198 -14.94 17.33 -15.82
C THR C 198 -13.96 16.51 -15.00
N LEU C 199 -13.49 17.08 -13.90
CA LEU C 199 -12.66 16.34 -12.96
C LEU C 199 -13.57 15.78 -11.88
N VAL C 200 -13.88 14.50 -11.99
CA VAL C 200 -14.65 13.79 -10.97
C VAL C 200 -13.78 12.69 -10.44
N THR C 201 -13.52 12.71 -9.14
CA THR C 201 -12.78 11.63 -8.50
C THR C 201 -13.75 10.57 -7.99
N SER C 202 -13.32 9.32 -8.04
CA SER C 202 -14.10 8.25 -7.44
C SER C 202 -14.15 8.45 -5.94
N PRO C 203 -15.22 8.00 -5.29
CA PRO C 203 -15.36 8.24 -3.84
C PRO C 203 -14.28 7.54 -3.05
N PHE C 204 -13.94 8.14 -1.92
CA PHE C 204 -12.92 7.60 -1.04
C PHE C 204 -13.49 7.49 0.36
N THR C 205 -13.20 6.38 1.02
CA THR C 205 -13.73 6.10 2.33
C THR C 205 -12.57 5.84 3.29
N PHE C 206 -12.55 6.56 4.40
CA PHE C 206 -11.59 6.33 5.46
C PHE C 206 -12.28 6.45 6.80
N TYR C 207 -11.61 5.98 7.84
CA TYR C 207 -12.14 5.97 9.20
C TYR C 207 -11.16 6.62 10.15
N TYR C 208 -11.72 7.11 11.26
CA TYR C 208 -10.90 7.61 12.33
C TYR C 208 -11.66 7.44 13.62
N ILE C 209 -10.92 7.46 14.73
CA ILE C 209 -11.56 7.42 16.04
C ILE C 209 -12.17 8.78 16.31
N ARG C 210 -13.44 8.81 16.65
CA ARG C 210 -14.14 10.07 16.75
C ARG C 210 -14.06 10.64 18.16
N GLU C 211 -14.21 11.95 18.24
CA GLU C 211 -14.25 12.65 19.52
C GLU C 211 -15.57 12.33 20.22
N ASP C 212 -15.56 12.40 21.55
CA ASP C 212 -16.77 12.25 22.33
C ASP C 212 -17.81 13.30 21.96
N ASP C 213 -19.07 12.99 22.27
CA ASP C 213 -20.17 13.90 21.99
C ASP C 213 -20.05 15.19 22.80
N ASP D 16 -28.40 1.82 23.64
CA ASP D 16 -27.05 2.29 23.91
C ASP D 16 -26.11 1.96 22.77
N ASP D 17 -25.40 2.97 22.29
CA ASP D 17 -24.42 2.79 21.23
C ASP D 17 -23.03 2.49 21.77
N ASN D 18 -22.88 2.42 23.09
CA ASN D 18 -21.59 2.03 23.66
C ASN D 18 -21.37 0.53 23.55
N ILE D 19 -22.43 -0.27 23.67
CA ILE D 19 -22.28 -1.72 23.66
C ILE D 19 -22.12 -2.29 22.26
N ASN D 20 -22.08 -1.44 21.24
CA ASN D 20 -21.81 -1.91 19.88
C ASN D 20 -20.34 -1.90 19.55
N THR D 21 -19.49 -1.67 20.54
CA THR D 21 -18.07 -1.52 20.26
C THR D 21 -17.27 -2.30 21.29
N LEU D 22 -16.28 -3.05 20.83
CA LEU D 22 -15.45 -3.91 21.67
C LEU D 22 -14.00 -3.62 21.29
N TRP D 23 -13.19 -3.15 22.23
CA TRP D 23 -12.02 -2.40 21.80
C TRP D 23 -11.07 -2.20 22.97
N THR D 24 -9.82 -1.86 22.65
CA THR D 24 -8.70 -1.91 23.58
C THR D 24 -8.53 -0.66 24.42
N GLY D 25 -9.35 0.35 24.26
CA GLY D 25 -9.01 1.65 24.78
C GLY D 25 -8.34 2.47 23.70
N VAL D 26 -8.29 3.77 23.93
CA VAL D 26 -7.57 4.69 23.07
C VAL D 26 -6.32 5.13 23.82
N ASN D 27 -5.15 4.84 23.23
CA ASN D 27 -3.85 5.17 23.83
C ASN D 27 -3.75 4.66 25.25
N PRO D 28 -3.60 3.36 25.47
CA PRO D 28 -3.48 2.85 26.84
C PRO D 28 -2.22 3.39 27.50
N THR D 29 -2.30 3.55 28.82
CA THR D 29 -1.20 4.17 29.54
C THR D 29 0.05 3.30 29.53
N THR D 30 -0.09 2.00 29.36
CA THR D 30 1.03 1.08 29.23
C THR D 30 0.81 0.17 28.03
N ALA D 31 1.86 -0.54 27.66
CA ALA D 31 1.75 -1.50 26.57
C ALA D 31 0.89 -2.68 27.00
N ASN D 32 -0.07 -3.05 26.16
CA ASN D 32 -0.99 -4.13 26.47
C ASN D 32 -0.79 -5.36 25.60
N CYS D 33 0.21 -5.36 24.74
CA CYS D 33 0.39 -6.46 23.81
C CYS D 33 1.84 -6.91 23.83
N GLN D 34 2.04 -8.20 23.63
CA GLN D 34 3.38 -8.78 23.52
C GLN D 34 3.45 -9.48 22.18
N ILE D 35 3.83 -8.72 21.15
CA ILE D 35 3.87 -9.27 19.79
C ILE D 35 5.00 -10.27 19.65
N MET D 36 6.20 -9.89 20.05
CA MET D 36 7.36 -10.75 19.88
C MET D 36 7.55 -11.63 21.10
N ALA D 37 7.86 -12.91 20.84
CA ALA D 37 8.13 -13.84 21.92
C ALA D 37 9.46 -13.58 22.60
N SER D 38 10.38 -12.89 21.92
CA SER D 38 11.64 -12.52 22.54
C SER D 38 11.45 -11.51 23.66
N SER D 39 10.39 -10.71 23.61
CA SER D 39 10.12 -9.76 24.69
C SER D 39 9.65 -10.50 25.93
N GLU D 40 10.21 -10.12 27.07
CA GLU D 40 9.85 -10.72 28.34
C GLU D 40 8.59 -10.13 28.95
N SER D 41 8.13 -8.99 28.45
CA SER D 41 6.91 -8.36 28.92
C SER D 41 6.19 -7.79 27.71
N ASN D 42 5.16 -6.99 27.96
CA ASN D 42 4.46 -6.33 26.88
C ASN D 42 5.36 -5.32 26.22
N ASP D 43 5.40 -5.32 24.89
CA ASP D 43 6.35 -4.52 24.16
C ASP D 43 5.71 -3.52 23.22
N CYS D 44 4.39 -3.50 23.09
CA CYS D 44 3.75 -2.56 22.19
C CYS D 44 2.32 -2.32 22.65
N LYS D 45 1.75 -1.25 22.15
CA LYS D 45 0.33 -0.97 22.35
C LYS D 45 -0.42 -1.46 21.12
N LEU D 46 -1.37 -2.35 21.34
CA LEU D 46 -2.25 -2.82 20.28
C LEU D 46 -3.59 -2.11 20.40
N ILE D 47 -3.99 -1.42 19.35
CA ILE D 47 -5.28 -0.76 19.31
C ILE D 47 -6.16 -1.56 18.38
N LEU D 48 -7.25 -2.07 18.92
CA LEU D 48 -8.21 -2.84 18.15
C LEU D 48 -9.60 -2.27 18.44
N THR D 49 -10.48 -2.32 17.45
CA THR D 49 -11.85 -1.88 17.62
C THR D 49 -12.75 -2.75 16.77
N LEU D 50 -13.75 -3.36 17.40
CA LEU D 50 -14.75 -4.16 16.71
C LEU D 50 -16.09 -3.47 16.86
N VAL D 51 -16.74 -3.15 15.74
CA VAL D 51 -18.02 -2.48 15.75
C VAL D 51 -19.02 -3.33 14.98
N LYS D 52 -20.15 -3.64 15.62
CA LYS D 52 -21.22 -4.40 14.96
C LYS D 52 -21.86 -3.55 13.89
N THR D 53 -21.67 -3.94 12.63
CA THR D 53 -22.26 -3.24 11.49
C THR D 53 -23.28 -4.17 10.86
N GLY D 54 -24.52 -4.13 11.36
CA GLY D 54 -25.56 -4.98 10.85
C GLY D 54 -25.27 -6.44 11.07
N ALA D 55 -24.96 -7.16 9.98
CA ALA D 55 -24.49 -8.52 10.05
C ALA D 55 -22.99 -8.63 9.90
N LEU D 56 -22.28 -7.52 9.81
CA LEU D 56 -20.84 -7.51 9.69
C LEU D 56 -20.23 -6.90 10.94
N VAL D 57 -18.92 -7.08 11.08
CA VAL D 57 -18.14 -6.37 12.08
C VAL D 57 -17.12 -5.51 11.37
N THR D 58 -17.17 -4.21 11.62
CA THR D 58 -16.14 -3.31 11.15
C THR D 58 -14.96 -3.37 12.12
N ALA D 59 -13.90 -4.05 11.72
CA ALA D 59 -12.76 -4.30 12.58
C ALA D 59 -11.64 -3.34 12.24
N PHE D 60 -11.09 -2.69 13.26
CA PHE D 60 -10.26 -1.50 13.10
C PHE D 60 -9.03 -1.67 13.98
N VAL D 61 -7.89 -1.98 13.38
CA VAL D 61 -6.73 -2.41 14.16
C VAL D 61 -5.47 -1.69 13.67
N TYR D 62 -4.59 -1.37 14.61
CA TYR D 62 -3.23 -0.95 14.32
C TYR D 62 -2.41 -1.08 15.60
N VAL D 63 -1.10 -1.00 15.46
CA VAL D 63 -0.18 -1.18 16.58
C VAL D 63 0.64 0.08 16.79
N ILE D 64 1.10 0.27 18.01
CA ILE D 64 2.01 1.34 18.37
C ILE D 64 3.18 0.72 19.11
N GLY D 65 4.38 0.92 18.61
CA GLY D 65 5.55 0.32 19.23
C GLY D 65 5.92 1.03 20.53
N VAL D 66 6.37 0.24 21.50
CA VAL D 66 6.73 0.77 22.81
C VAL D 66 8.18 0.42 23.13
N SER D 67 8.50 -0.86 23.16
CA SER D 67 9.83 -1.29 23.56
C SER D 67 10.84 -0.97 22.47
N ASN D 68 12.08 -0.74 22.89
CA ASN D 68 13.15 -0.37 21.96
C ASN D 68 13.45 -1.48 20.97
N ASP D 69 13.38 -2.73 21.40
CA ASP D 69 13.56 -3.84 20.47
C ASP D 69 12.44 -3.85 19.44
N PHE D 70 11.21 -3.58 19.87
CA PHE D 70 10.10 -3.53 18.93
C PHE D 70 10.20 -2.37 17.97
N ASN D 71 10.53 -1.17 18.45
CA ASN D 71 10.73 -0.03 17.57
C ASN D 71 11.95 -0.17 16.69
N MET D 72 12.88 -1.06 17.05
CA MET D 72 14.06 -1.29 16.24
C MET D 72 13.73 -1.99 14.93
N LEU D 73 12.50 -2.52 14.81
CA LEU D 73 12.11 -3.26 13.62
C LEU D 73 12.12 -2.41 12.37
N THR D 74 11.90 -1.10 12.49
CA THR D 74 11.87 -0.24 11.32
C THR D 74 13.23 -0.12 10.65
N THR D 75 14.29 -0.54 11.30
CA THR D 75 15.63 -0.45 10.73
C THR D 75 15.99 -1.64 9.85
N HIS D 76 15.15 -2.64 9.77
CA HIS D 76 15.37 -3.79 8.90
C HIS D 76 14.40 -3.77 7.73
N LYS D 77 14.71 -4.58 6.72
CA LYS D 77 13.97 -4.58 5.46
C LYS D 77 12.95 -5.70 5.36
N ASN D 78 13.09 -6.75 6.15
CA ASN D 78 12.22 -7.93 6.06
C ASN D 78 11.60 -8.15 7.43
N ILE D 79 10.41 -7.60 7.64
CA ILE D 79 9.73 -7.61 8.92
C ILE D 79 8.45 -8.41 8.78
N ASN D 80 8.15 -9.23 9.78
CA ASN D 80 6.97 -10.08 9.74
C ASN D 80 6.61 -10.31 11.20
N PHE D 81 5.58 -9.63 11.68
CA PHE D 81 5.09 -9.85 13.03
C PHE D 81 3.58 -10.02 13.00
N THR D 82 3.08 -10.79 13.95
CA THR D 82 1.67 -11.19 13.93
C THR D 82 1.07 -11.07 15.32
N ALA D 83 -0.24 -10.87 15.36
CA ALA D 83 -0.98 -10.85 16.61
C ALA D 83 -1.99 -11.97 16.62
N GLU D 84 -1.98 -12.78 17.68
CA GLU D 84 -2.94 -13.85 17.87
C GLU D 84 -4.01 -13.37 18.83
N LEU D 85 -5.27 -13.55 18.44
CA LEU D 85 -6.38 -13.29 19.33
C LEU D 85 -7.22 -14.55 19.40
N PHE D 86 -7.20 -15.21 20.55
CA PHE D 86 -7.99 -16.40 20.78
C PHE D 86 -9.10 -16.05 21.74
N PHE D 87 -10.28 -16.58 21.48
CA PHE D 87 -11.47 -16.24 22.25
C PHE D 87 -12.19 -17.50 22.68
N ASP D 88 -12.81 -17.44 23.84
CA ASP D 88 -13.47 -18.59 24.41
C ASP D 88 -14.81 -18.83 23.73
N SER D 89 -15.62 -19.72 24.28
CA SER D 89 -16.93 -19.98 23.72
C SER D 89 -17.89 -18.81 23.91
N THR D 90 -17.61 -17.94 24.87
CA THR D 90 -18.47 -16.78 25.12
C THR D 90 -17.96 -15.53 24.43
N GLY D 91 -16.79 -15.56 23.81
CA GLY D 91 -16.22 -14.40 23.17
C GLY D 91 -15.18 -13.65 23.98
N ASN D 92 -15.02 -13.97 25.25
CA ASN D 92 -14.00 -13.31 26.06
C ASN D 92 -12.61 -13.76 25.63
N LEU D 93 -11.70 -12.79 25.62
CA LEU D 93 -10.33 -13.05 25.17
C LEU D 93 -9.62 -14.00 26.13
N LEU D 94 -8.86 -14.93 25.58
CA LEU D 94 -7.97 -15.80 26.36
C LEU D 94 -6.61 -15.12 26.43
N THR D 95 -6.38 -14.38 27.51
CA THR D 95 -5.20 -13.52 27.59
C THR D 95 -3.91 -14.30 27.68
N SER D 96 -3.91 -15.49 28.29
CA SER D 96 -2.68 -16.24 28.42
C SER D 96 -2.17 -16.77 27.09
N LEU D 97 -3.05 -16.98 26.12
CA LEU D 97 -2.66 -17.49 24.81
C LEU D 97 -2.54 -16.40 23.76
N SER D 98 -3.23 -15.27 23.93
CA SER D 98 -3.31 -14.25 22.91
C SER D 98 -2.11 -13.32 22.98
N SER D 99 -1.91 -12.56 21.90
CA SER D 99 -0.89 -11.52 21.93
C SER D 99 -1.32 -10.37 22.83
N LEU D 100 -2.56 -9.94 22.73
CA LEU D 100 -3.08 -8.89 23.58
C LEU D 100 -3.34 -9.46 24.97
N LYS D 101 -2.70 -8.89 25.98
CA LYS D 101 -2.77 -9.41 27.34
C LYS D 101 -3.80 -8.72 28.20
N THR D 102 -4.58 -7.80 27.64
CA THR D 102 -5.62 -7.11 28.38
C THR D 102 -6.95 -7.30 27.68
N PRO D 103 -7.96 -7.84 28.36
CA PRO D 103 -9.21 -8.18 27.68
C PRO D 103 -9.94 -6.96 27.14
N LEU D 104 -10.67 -7.18 26.06
CA LEU D 104 -11.42 -6.11 25.44
C LEU D 104 -12.63 -5.75 26.29
N ASN D 105 -13.20 -4.58 26.03
CA ASN D 105 -14.38 -4.15 26.75
C ASN D 105 -15.14 -3.14 25.90
N HIS D 106 -16.29 -2.72 26.41
CA HIS D 106 -17.17 -1.82 25.67
C HIS D 106 -16.68 -0.38 25.76
N LYS D 107 -17.49 0.55 25.28
CA LYS D 107 -17.05 1.93 25.14
C LYS D 107 -17.46 2.78 26.33
N SER D 108 -16.48 3.43 26.94
CA SER D 108 -16.70 4.39 28.01
C SER D 108 -15.80 5.58 27.67
N GLY D 109 -16.32 6.50 26.88
CA GLY D 109 -15.54 7.63 26.43
C GLY D 109 -14.40 7.22 25.52
N GLN D 110 -13.19 7.64 25.84
CA GLN D 110 -12.00 7.20 25.14
C GLN D 110 -11.35 5.99 25.80
N ASN D 111 -12.04 5.38 26.76
CA ASN D 111 -11.48 4.33 27.59
C ASN D 111 -12.34 3.08 27.50
N MET D 112 -11.73 1.97 27.85
CA MET D 112 -12.45 0.72 28.02
C MET D 112 -13.44 0.84 29.17
N ALA D 113 -14.57 0.16 29.02
CA ALA D 113 -15.50 0.02 30.13
C ALA D 113 -14.92 -0.93 31.18
N THR D 114 -15.58 -0.98 32.34
CA THR D 114 -15.08 -1.77 33.45
C THR D 114 -15.93 -2.99 33.78
N GLY D 115 -17.16 -3.05 33.31
CA GLY D 115 -18.06 -4.14 33.65
C GLY D 115 -17.77 -5.39 32.86
N ALA D 116 -18.74 -6.29 32.86
CA ALA D 116 -18.66 -7.52 32.08
C ALA D 116 -19.00 -7.24 30.62
N LEU D 117 -19.06 -8.29 29.82
CA LEU D 117 -19.34 -8.14 28.40
C LEU D 117 -20.77 -8.56 28.09
N THR D 118 -21.51 -7.67 27.46
CA THR D 118 -22.89 -7.91 27.08
C THR D 118 -22.91 -8.36 25.62
N ASN D 119 -23.21 -9.63 25.41
CA ASN D 119 -23.24 -10.27 24.09
C ASN D 119 -21.92 -10.07 23.34
N ALA D 120 -20.86 -10.57 23.97
CA ALA D 120 -19.56 -10.57 23.33
C ALA D 120 -19.49 -11.56 22.17
N LYS D 121 -20.36 -12.58 22.17
CA LYS D 121 -20.30 -13.61 21.14
C LYS D 121 -20.71 -13.07 19.78
N GLY D 122 -21.49 -11.99 19.76
CA GLY D 122 -21.90 -11.40 18.50
C GLY D 122 -20.78 -10.75 17.72
N PHE D 123 -19.65 -10.46 18.36
CA PHE D 123 -18.55 -9.82 17.67
C PHE D 123 -17.63 -10.82 16.97
N MET D 124 -17.86 -12.11 17.14
CA MET D 124 -16.88 -13.08 16.72
C MET D 124 -17.01 -13.40 15.24
N PRO D 125 -15.92 -13.81 14.59
CA PRO D 125 -16.03 -14.32 13.23
C PRO D 125 -16.83 -15.61 13.21
N SER D 126 -17.89 -15.62 12.43
CA SER D 126 -18.87 -16.69 12.45
C SER D 126 -18.28 -17.99 11.94
N THR D 127 -18.62 -19.09 12.61
CA THR D 127 -18.13 -20.39 12.20
C THR D 127 -18.82 -20.91 10.95
N THR D 128 -20.05 -20.48 10.69
CA THR D 128 -20.72 -20.86 9.45
C THR D 128 -20.00 -20.26 8.24
N ALA D 129 -19.64 -18.98 8.33
CA ALA D 129 -18.88 -18.37 7.25
C ALA D 129 -17.42 -18.78 7.29
N TYR D 130 -16.87 -18.98 8.49
CA TYR D 130 -15.45 -19.30 8.66
C TYR D 130 -15.34 -20.54 9.54
N PRO D 131 -15.32 -21.72 8.95
CA PRO D 131 -15.27 -22.95 9.73
C PRO D 131 -13.86 -23.34 10.15
N PHE D 132 -13.80 -24.24 11.12
CA PHE D 132 -12.54 -24.78 11.59
C PHE D 132 -12.23 -26.08 10.86
N ASN D 133 -11.02 -26.17 10.30
CA ASN D 133 -10.45 -27.41 9.78
C ASN D 133 -11.29 -28.03 8.68
N VAL D 134 -11.88 -27.21 7.83
CA VAL D 134 -12.58 -27.68 6.64
C VAL D 134 -11.71 -27.34 5.44
N ASN D 135 -11.04 -28.35 4.89
CA ASN D 135 -10.10 -28.12 3.81
C ASN D 135 -10.78 -27.75 2.50
N SER D 136 -12.01 -28.22 2.28
CA SER D 136 -12.76 -27.83 1.10
C SER D 136 -13.18 -26.37 1.13
N ARG D 137 -13.22 -25.76 2.31
CA ARG D 137 -13.63 -24.38 2.49
C ARG D 137 -12.51 -23.57 3.12
N GLU D 138 -11.26 -23.88 2.75
CA GLU D 138 -10.11 -23.22 3.35
C GLU D 138 -10.04 -21.74 3.00
N LYS D 139 -10.34 -21.39 1.76
CA LYS D 139 -10.07 -20.05 1.25
C LYS D 139 -10.99 -18.98 1.83
N GLU D 140 -12.10 -19.34 2.46
CA GLU D 140 -12.99 -18.33 2.98
C GLU D 140 -12.48 -17.67 4.24
N ASN D 141 -11.42 -18.19 4.86
CA ASN D 141 -10.94 -17.68 6.13
C ASN D 141 -9.91 -16.58 5.98
N TYR D 142 -9.60 -16.15 4.76
CA TYR D 142 -8.47 -15.26 4.51
C TYR D 142 -8.99 -13.89 4.14
N ILE D 143 -8.40 -12.85 4.72
CA ILE D 143 -8.72 -11.46 4.43
C ILE D 143 -7.41 -10.71 4.28
N TYR D 144 -7.30 -9.90 3.23
CA TYR D 144 -6.06 -9.20 2.95
C TYR D 144 -6.31 -7.70 2.86
N GLY D 145 -5.22 -6.95 2.87
CA GLY D 145 -5.31 -5.50 2.84
C GLY D 145 -3.93 -4.89 2.93
N THR D 146 -3.91 -3.59 3.22
CA THR D 146 -2.67 -2.83 3.26
C THR D 146 -2.82 -1.67 4.22
N CYS D 147 -1.84 -1.50 5.11
CA CYS D 147 -1.70 -0.29 5.89
C CYS D 147 -0.37 0.34 5.55
N TYR D 148 -0.06 1.45 6.20
CA TYR D 148 1.17 2.17 5.90
C TYR D 148 1.89 2.52 7.19
N TYR D 149 3.17 2.81 7.03
CA TYR D 149 4.01 3.34 8.10
C TYR D 149 4.57 4.66 7.61
N THR D 150 4.21 5.75 8.27
CA THR D 150 4.76 7.05 7.94
C THR D 150 6.17 7.15 8.50
N ALA D 151 7.13 7.40 7.63
CA ALA D 151 8.52 7.45 8.05
C ALA D 151 8.78 8.76 8.79
N SER D 152 10.01 8.93 9.28
CA SER D 152 10.36 10.15 10.01
C SER D 152 10.45 11.35 9.08
N ASP D 153 10.62 11.12 7.78
CA ASP D 153 10.56 12.19 6.78
C ASP D 153 9.22 12.25 6.06
N HIS D 154 8.18 11.67 6.68
CA HIS D 154 6.81 11.64 6.15
C HIS D 154 6.73 10.93 4.81
N THR D 155 7.34 9.75 4.75
CA THR D 155 7.23 8.83 3.64
C THR D 155 6.36 7.65 4.07
N ALA D 156 5.38 7.30 3.26
CA ALA D 156 4.50 6.19 3.61
C ALA D 156 5.03 4.91 3.02
N PHE D 157 5.30 3.92 3.87
CA PHE D 157 5.75 2.63 3.43
C PHE D 157 4.60 1.65 3.53
N PRO D 158 4.13 1.08 2.43
CA PRO D 158 2.99 0.17 2.51
C PRO D 158 3.36 -1.13 3.20
N ILE D 159 2.47 -1.57 4.10
CA ILE D 159 2.64 -2.78 4.86
C ILE D 159 1.52 -3.72 4.49
N ASP D 160 1.87 -4.94 4.09
CA ASP D 160 0.87 -5.91 3.71
C ASP D 160 0.29 -6.57 4.95
N ILE D 161 -1.02 -6.67 5.00
CA ILE D 161 -1.72 -7.25 6.14
C ILE D 161 -2.48 -8.46 5.65
N SER D 162 -2.33 -9.58 6.37
CA SER D 162 -3.14 -10.76 6.16
C SER D 162 -3.91 -11.03 7.44
N VAL D 163 -5.23 -11.11 7.31
CA VAL D 163 -6.12 -11.42 8.43
C VAL D 163 -6.62 -12.84 8.22
N MET D 164 -6.64 -13.61 9.29
CA MET D 164 -6.95 -15.02 9.20
C MET D 164 -7.93 -15.37 10.30
N LEU D 165 -9.05 -15.99 9.93
CA LEU D 165 -10.19 -16.15 10.82
C LEU D 165 -10.45 -17.62 11.08
N ASN D 166 -10.57 -17.97 12.36
CA ASN D 166 -11.02 -19.29 12.82
C ASN D 166 -10.19 -20.43 12.23
N GLN D 167 -8.87 -20.29 12.28
CA GLN D 167 -8.02 -21.38 11.81
C GLN D 167 -7.79 -22.44 12.88
N ARG D 168 -7.49 -22.03 14.09
CA ARG D 168 -6.89 -22.95 15.04
C ARG D 168 -7.57 -22.85 16.39
N ALA D 169 -7.70 -23.99 17.05
CA ALA D 169 -7.99 -24.06 18.47
C ALA D 169 -6.80 -24.70 19.14
N LEU D 170 -6.07 -23.90 19.94
CA LEU D 170 -4.90 -24.43 20.62
C LEU D 170 -5.27 -25.42 21.71
N ASN D 171 -6.50 -25.37 22.20
CA ASN D 171 -7.01 -26.34 23.14
C ASN D 171 -8.47 -26.57 22.83
N ASN D 172 -9.19 -27.23 23.73
CA ASN D 172 -10.63 -27.30 23.59
C ASN D 172 -11.32 -26.03 24.05
N GLU D 173 -10.57 -25.08 24.60
CA GLU D 173 -11.17 -23.88 25.16
C GLU D 173 -11.40 -22.85 24.06
N THR D 174 -10.44 -22.73 23.15
CA THR D 174 -10.51 -21.73 22.08
C THR D 174 -11.64 -22.05 21.11
N SER D 175 -12.54 -21.09 20.91
CA SER D 175 -13.64 -21.24 19.96
C SER D 175 -13.56 -20.33 18.77
N TYR D 176 -12.85 -19.20 18.87
CA TYR D 176 -12.70 -18.27 17.76
C TYR D 176 -11.28 -17.75 17.75
N CYS D 177 -10.75 -17.55 16.55
CA CYS D 177 -9.37 -17.15 16.38
C CYS D 177 -9.33 -16.03 15.36
N ILE D 178 -8.60 -14.97 15.68
CA ILE D 178 -8.29 -13.90 14.73
C ILE D 178 -6.79 -13.73 14.72
N ARG D 179 -6.19 -13.92 13.55
CA ARG D 179 -4.76 -13.68 13.34
C ARG D 179 -4.59 -12.53 12.38
N VAL D 180 -3.91 -11.48 12.83
CA VAL D 180 -3.55 -10.35 11.98
C VAL D 180 -2.04 -10.36 11.86
N THR D 181 -1.54 -10.28 10.63
CA THR D 181 -0.10 -10.35 10.37
C THR D 181 0.32 -9.15 9.54
N TRP D 182 1.18 -8.32 10.09
CA TRP D 182 1.79 -7.24 9.34
C TRP D 182 3.12 -7.70 8.78
N SER D 183 3.44 -7.23 7.59
CA SER D 183 4.67 -7.67 6.92
C SER D 183 5.03 -6.66 5.84
N TRP D 184 6.33 -6.43 5.67
CA TRP D 184 6.80 -5.72 4.49
C TRP D 184 8.06 -6.37 3.94
N ASN D 185 8.28 -6.16 2.66
CA ASN D 185 9.54 -6.48 1.98
C ASN D 185 9.86 -5.25 1.14
N THR D 186 10.53 -4.28 1.73
CA THR D 186 10.85 -3.04 1.04
C THR D 186 12.24 -3.11 0.43
N GLY D 187 12.59 -2.08 -0.33
CA GLY D 187 13.91 -2.00 -0.93
C GLY D 187 14.94 -1.48 0.03
N VAL D 188 14.59 -0.45 0.80
CA VAL D 188 15.42 0.05 1.87
C VAL D 188 14.65 -0.04 3.16
N ALA D 189 15.38 0.00 4.27
CA ALA D 189 14.74 0.10 5.57
C ALA D 189 14.05 1.46 5.69
N PRO D 190 12.87 1.51 6.32
CA PRO D 190 12.21 2.80 6.53
C PRO D 190 13.02 3.79 7.33
N GLU D 191 13.79 3.34 8.32
CA GLU D 191 14.57 4.22 9.17
C GLU D 191 16.00 3.69 9.30
N VAL D 192 16.83 4.48 9.97
CA VAL D 192 18.14 4.03 10.42
C VAL D 192 18.10 3.99 11.94
N GLN D 193 19.21 3.55 12.56
CA GLN D 193 19.22 3.38 14.01
C GLN D 193 19.05 4.71 14.74
N THR D 194 19.60 5.78 14.20
CA THR D 194 19.44 7.09 14.83
C THR D 194 18.05 7.66 14.63
N SER D 195 17.45 7.41 13.47
CA SER D 195 16.16 8.00 13.13
C SER D 195 14.97 7.15 13.54
N ALA D 196 15.20 5.94 14.02
CA ALA D 196 14.10 5.07 14.43
C ALA D 196 13.51 5.59 15.73
N THR D 197 12.25 6.02 15.69
CA THR D 197 11.60 6.58 16.87
C THR D 197 10.50 5.67 17.39
N THR D 198 9.52 5.35 16.57
CA THR D 198 8.39 4.56 17.01
C THR D 198 7.82 3.84 15.80
N LEU D 199 7.38 2.60 15.99
CA LEU D 199 6.69 1.86 14.94
C LEU D 199 5.20 2.06 15.13
N VAL D 200 4.61 2.95 14.34
CA VAL D 200 3.19 3.16 14.33
C VAL D 200 2.68 2.82 12.94
N THR D 201 1.77 1.86 12.86
CA THR D 201 1.14 1.53 11.60
C THR D 201 -0.13 2.35 11.43
N SER D 202 -0.42 2.71 10.18
CA SER D 202 -1.67 3.36 9.88
C SER D 202 -2.81 2.38 10.15
N PRO D 203 -4.00 2.89 10.51
CA PRO D 203 -5.10 2.01 10.85
C PRO D 203 -5.55 1.17 9.66
N PHE D 204 -6.05 -0.02 9.97
CA PHE D 204 -6.53 -0.94 8.96
C PHE D 204 -7.94 -1.35 9.30
N THR D 205 -8.79 -1.40 8.29
CA THR D 205 -10.20 -1.73 8.47
C THR D 205 -10.56 -2.91 7.60
N PHE D 206 -11.13 -3.94 8.20
CA PHE D 206 -11.65 -5.08 7.46
C PHE D 206 -12.98 -5.50 8.06
N TYR D 207 -13.70 -6.33 7.32
CA TYR D 207 -15.02 -6.80 7.71
C TYR D 207 -15.09 -8.30 7.65
N TYR D 208 -16.01 -8.85 8.44
CA TYR D 208 -16.29 -10.27 8.36
C TYR D 208 -17.73 -10.48 8.78
N ILE D 209 -18.29 -11.62 8.38
CA ILE D 209 -19.62 -11.98 8.82
C ILE D 209 -19.54 -12.41 10.27
N ARG D 210 -20.36 -11.82 11.11
CA ARG D 210 -20.23 -12.05 12.53
C ARG D 210 -21.08 -13.22 12.99
N GLU D 211 -20.68 -13.80 14.11
CA GLU D 211 -21.42 -14.87 14.74
C GLU D 211 -22.69 -14.31 15.37
N ASP D 212 -23.72 -15.16 15.48
CA ASP D 212 -24.94 -14.77 16.17
C ASP D 212 -24.67 -14.39 17.61
N ASP D 213 -25.58 -13.63 18.19
CA ASP D 213 -25.49 -13.21 19.58
C ASP D 213 -25.55 -14.39 20.54
N VAL E 6 -2.26 68.58 -3.81
CA VAL E 6 -1.85 67.33 -4.44
C VAL E 6 -2.84 66.22 -4.09
N LEU E 7 -3.59 65.77 -5.08
CA LEU E 7 -4.58 64.73 -4.93
C LEU E 7 -4.01 63.40 -5.39
N ASP E 8 -4.75 62.32 -5.15
CA ASP E 8 -4.31 60.98 -5.53
C ASP E 8 -4.79 60.61 -6.93
N ILE E 9 -4.55 61.50 -7.88
CA ILE E 9 -4.92 61.25 -9.28
C ILE E 9 -3.90 60.28 -9.87
N ASN E 10 -4.21 59.73 -11.03
CA ASN E 10 -3.31 58.78 -11.69
C ASN E 10 -2.27 59.59 -12.45
N ASP E 11 -1.30 60.16 -11.72
CA ASP E 11 -0.32 61.05 -12.28
C ASP E 11 1.11 60.53 -12.23
N ASN E 12 1.34 59.36 -11.63
CA ASN E 12 2.69 58.82 -11.50
C ASN E 12 2.59 57.31 -11.61
N GLU E 13 3.65 56.63 -11.18
CA GLU E 13 3.76 55.19 -11.31
C GLU E 13 4.04 54.58 -9.94
N PRO E 14 3.66 53.32 -9.74
CA PRO E 14 4.07 52.62 -8.50
C PRO E 14 5.55 52.28 -8.55
N VAL E 15 6.32 52.91 -7.68
CA VAL E 15 7.78 52.76 -7.67
C VAL E 15 8.14 51.38 -7.14
N PHE E 16 8.96 50.67 -7.89
CA PHE E 16 9.38 49.34 -7.49
C PHE E 16 10.60 49.43 -6.57
N THR E 17 10.95 48.30 -5.95
CA THR E 17 12.18 48.23 -5.20
C THR E 17 13.38 48.03 -6.11
N GLN E 18 13.29 47.08 -7.03
CA GLN E 18 14.37 46.77 -7.96
C GLN E 18 13.76 46.09 -9.18
N ASP E 19 14.47 46.16 -10.31
CA ASP E 19 13.88 45.78 -11.59
C ASP E 19 13.95 44.28 -11.88
N VAL E 20 15.07 43.61 -11.65
CA VAL E 20 15.21 42.21 -11.98
C VAL E 20 15.19 41.42 -10.68
N PHE E 21 13.99 41.03 -10.26
CA PHE E 21 13.79 40.30 -9.03
C PHE E 21 14.30 38.88 -9.16
N VAL E 22 14.84 38.36 -8.07
CA VAL E 22 15.32 36.98 -8.02
C VAL E 22 14.69 36.34 -6.79
N GLY E 23 14.26 35.08 -6.95
CA GLY E 23 13.78 34.29 -5.85
C GLY E 23 13.88 32.83 -6.22
N SER E 24 13.35 31.98 -5.35
CA SER E 24 13.49 30.56 -5.59
C SER E 24 12.42 29.79 -4.85
N VAL E 25 12.04 28.65 -5.41
CA VAL E 25 11.09 27.73 -4.80
C VAL E 25 11.54 26.32 -5.18
N GLU E 26 11.09 25.34 -4.42
CA GLU E 26 11.61 23.99 -4.52
C GLU E 26 10.72 23.13 -5.40
N GLU E 27 11.33 22.17 -6.09
CA GLU E 27 10.62 21.19 -6.89
C GLU E 27 9.59 20.43 -6.05
N LEU E 28 8.48 20.06 -6.70
CA LEU E 28 7.44 19.21 -6.12
C LEU E 28 6.83 19.82 -4.87
N SER E 29 6.80 21.15 -4.79
CA SER E 29 6.14 21.79 -3.68
C SER E 29 4.62 21.65 -3.79
N ALA E 30 3.97 21.69 -2.64
CA ALA E 30 2.52 21.62 -2.62
C ALA E 30 1.93 22.94 -3.10
N ALA E 31 0.62 22.93 -3.32
CA ALA E 31 -0.06 24.14 -3.78
C ALA E 31 -0.05 25.21 -2.71
N HIS E 32 -0.09 26.46 -3.16
CA HIS E 32 -0.14 27.64 -2.30
C HIS E 32 1.08 27.71 -1.38
N THR E 33 2.24 27.54 -1.97
CA THR E 33 3.52 27.72 -1.28
C THR E 33 4.09 29.06 -1.70
N LEU E 34 4.48 29.87 -0.72
CA LEU E 34 4.94 31.22 -1.00
C LEU E 34 6.30 31.20 -1.68
N VAL E 35 6.42 31.91 -2.80
CA VAL E 35 7.68 31.94 -3.53
C VAL E 35 8.44 33.24 -3.25
N MET E 36 7.77 34.38 -3.41
CA MET E 36 8.31 35.64 -2.92
C MET E 36 7.14 36.56 -2.60
N LYS E 37 7.46 37.71 -2.00
CA LYS E 37 6.56 38.85 -1.96
C LYS E 37 7.19 39.95 -2.79
N ILE E 38 6.56 40.29 -3.90
CA ILE E 38 7.11 41.28 -4.83
C ILE E 38 7.03 42.65 -4.15
N ASN E 39 8.20 43.20 -3.85
CA ASN E 39 8.29 44.45 -3.11
C ASN E 39 8.08 45.62 -4.07
N ALA E 40 7.13 46.49 -3.75
CA ALA E 40 6.90 47.72 -4.49
C ALA E 40 6.34 48.76 -3.54
N THR E 41 6.47 50.03 -3.92
CA THR E 41 5.99 51.12 -3.08
C THR E 41 5.23 52.12 -3.95
N ASP E 42 4.60 53.08 -3.29
CA ASP E 42 3.79 54.10 -3.93
C ASP E 42 4.51 55.44 -3.88
N ALA E 43 4.58 56.11 -5.03
CA ALA E 43 5.11 57.46 -5.10
C ALA E 43 4.08 58.52 -4.73
N ASP E 44 2.80 58.17 -4.70
CA ASP E 44 1.76 59.05 -4.20
C ASP E 44 1.54 58.78 -2.70
N GLU E 45 0.47 59.33 -2.15
CA GLU E 45 0.18 59.12 -0.75
C GLU E 45 -0.31 57.69 -0.51
N PRO E 46 -0.06 57.15 0.68
CA PRO E 46 -0.62 55.84 1.04
C PRO E 46 -2.11 55.94 1.32
N ASN E 47 -2.73 54.76 1.44
CA ASN E 47 -4.17 54.60 1.69
C ASN E 47 -5.01 55.31 0.62
N THR E 48 -4.54 55.28 -0.62
CA THR E 48 -5.21 55.89 -1.75
C THR E 48 -5.37 54.87 -2.88
N LEU E 49 -5.87 55.32 -4.02
CA LEU E 49 -6.02 54.44 -5.17
C LEU E 49 -4.67 54.08 -5.78
N ASN E 50 -3.71 55.00 -5.73
CA ASN E 50 -2.34 54.68 -6.12
C ASN E 50 -1.66 53.76 -5.10
N SER E 51 -2.11 53.79 -3.85
CA SER E 51 -1.65 52.80 -2.88
C SER E 51 -2.20 51.41 -3.18
N LYS E 52 -3.29 51.32 -3.94
CA LYS E 52 -3.79 50.04 -4.39
C LYS E 52 -2.92 49.53 -5.52
N ILE E 53 -1.79 48.92 -5.18
CA ILE E 53 -0.82 48.46 -6.16
C ILE E 53 -1.35 47.13 -6.71
N SER E 54 -2.02 47.20 -7.85
CA SER E 54 -2.61 46.00 -8.47
C SER E 54 -1.51 45.32 -9.27
N TYR E 55 -0.83 44.36 -8.66
CA TYR E 55 0.20 43.60 -9.34
C TYR E 55 -0.44 42.72 -10.40
N ARG E 56 0.27 42.49 -11.50
CA ARG E 56 -0.34 41.86 -12.65
C ARG E 56 0.72 41.17 -13.48
N ILE E 57 0.63 39.84 -13.58
CA ILE E 57 1.54 39.09 -14.45
C ILE E 57 1.21 39.41 -15.90
N VAL E 58 2.22 39.76 -16.67
CA VAL E 58 2.03 40.02 -18.10
C VAL E 58 2.41 38.79 -18.90
N SER E 59 3.60 38.24 -18.67
CA SER E 59 4.10 37.16 -19.52
C SER E 59 4.92 36.18 -18.69
N LEU E 60 4.49 34.93 -18.66
CA LEU E 60 5.40 33.83 -18.36
C LEU E 60 6.21 33.56 -19.62
N GLU E 61 7.52 33.50 -19.49
CA GLU E 61 8.26 33.28 -20.73
C GLU E 61 8.25 31.81 -21.10
N PRO E 62 8.43 30.84 -20.16
CA PRO E 62 7.93 29.50 -20.44
C PRO E 62 6.46 29.38 -20.11
N ALA E 63 5.59 29.76 -21.04
CA ALA E 63 4.23 30.16 -20.73
C ALA E 63 3.25 29.00 -20.54
N TYR E 64 3.58 27.79 -21.00
CA TYR E 64 2.55 26.78 -21.20
C TYR E 64 1.82 26.31 -19.95
N PRO E 65 2.49 25.89 -18.86
CA PRO E 65 1.72 25.47 -17.68
C PRO E 65 1.45 26.64 -16.75
N PRO E 66 0.21 26.80 -16.29
CA PRO E 66 -0.11 27.88 -15.34
C PRO E 66 0.37 27.54 -13.93
N VAL E 67 1.68 27.60 -13.75
CA VAL E 67 2.30 27.07 -12.54
C VAL E 67 2.21 28.05 -11.39
N PHE E 68 2.66 29.28 -11.60
CA PHE E 68 2.72 30.24 -10.52
C PHE E 68 1.45 31.08 -10.46
N TYR E 69 1.14 31.55 -9.25
CA TYR E 69 -0.01 32.40 -9.02
C TYR E 69 0.45 33.66 -8.32
N LEU E 70 0.10 34.82 -8.86
CA LEU E 70 0.44 36.09 -8.27
C LEU E 70 -0.78 36.66 -7.56
N ASN E 71 -0.63 36.93 -6.26
CA ASN E 71 -1.71 37.56 -5.53
C ASN E 71 -1.72 39.05 -5.83
N LYS E 72 -2.75 39.50 -6.55
CA LYS E 72 -2.81 40.86 -7.06
C LYS E 72 -2.97 41.91 -5.98
N ASP E 73 -3.35 41.52 -4.77
CA ASP E 73 -3.48 42.49 -3.70
C ASP E 73 -2.16 42.78 -3.01
N THR E 74 -1.38 41.74 -2.73
CA THR E 74 -0.16 41.87 -1.95
C THR E 74 1.11 41.70 -2.75
N GLY E 75 1.05 41.08 -3.92
CA GLY E 75 2.24 40.78 -4.68
C GLY E 75 2.89 39.47 -4.31
N GLU E 76 2.32 38.72 -3.39
CA GLU E 76 2.86 37.42 -3.02
C GLU E 76 2.68 36.46 -4.19
N ILE E 77 3.73 35.73 -4.54
CA ILE E 77 3.68 34.79 -5.65
C ILE E 77 3.69 33.38 -5.07
N TYR E 78 2.72 32.58 -5.46
CA TYR E 78 2.52 31.24 -4.92
C TYR E 78 2.71 30.19 -6.01
N THR E 79 2.46 28.95 -5.63
CA THR E 79 2.44 27.82 -6.56
C THR E 79 1.04 27.25 -6.63
N THR E 80 0.58 26.97 -7.84
CA THR E 80 -0.77 26.48 -8.06
C THR E 80 -0.82 24.97 -7.81
N SER E 81 -1.96 24.37 -8.11
CA SER E 81 -2.11 22.92 -7.99
C SER E 81 -1.37 22.16 -9.06
N VAL E 82 -0.84 22.84 -10.08
CA VAL E 82 -0.02 22.18 -11.08
C VAL E 82 1.39 22.10 -10.51
N THR E 83 1.83 20.89 -10.20
CA THR E 83 3.05 20.68 -9.43
C THR E 83 4.27 20.92 -10.30
N LEU E 84 5.26 21.62 -9.74
CA LEU E 84 6.51 21.89 -10.44
C LEU E 84 7.31 20.63 -10.64
N ASP E 85 7.82 20.42 -11.85
CA ASP E 85 8.82 19.39 -12.13
C ASP E 85 10.02 20.10 -12.69
N ARG E 86 11.11 20.15 -11.91
CA ARG E 86 12.27 20.94 -12.28
C ARG E 86 12.96 20.42 -13.53
N GLU E 87 12.81 19.14 -13.85
CA GLU E 87 13.57 18.53 -14.93
C GLU E 87 13.02 18.86 -16.31
N GLU E 88 11.92 19.62 -16.39
CA GLU E 88 11.41 20.11 -17.66
C GLU E 88 11.47 21.63 -17.79
N HIS E 89 11.56 22.35 -16.67
CA HIS E 89 11.72 23.80 -16.70
C HIS E 89 12.56 24.19 -15.50
N SER E 90 13.85 24.48 -15.74
CA SER E 90 14.76 24.77 -14.64
C SER E 90 14.57 26.17 -14.09
N SER E 91 13.97 27.07 -14.87
CA SER E 91 13.85 28.45 -14.43
C SER E 91 12.69 29.11 -15.16
N TYR E 92 12.06 30.07 -14.48
CA TYR E 92 10.90 30.79 -14.99
C TYR E 92 11.19 32.27 -14.96
N THR E 93 10.81 32.97 -16.01
CA THR E 93 10.91 34.42 -16.06
C THR E 93 9.50 34.99 -16.11
N LEU E 94 9.18 35.86 -15.16
CA LEU E 94 7.83 36.39 -14.98
C LEU E 94 7.85 37.90 -15.12
N THR E 95 7.61 38.39 -16.33
CA THR E 95 7.50 39.83 -16.54
C THR E 95 6.20 40.29 -15.89
N VAL E 96 6.30 40.83 -14.68
CA VAL E 96 5.14 41.36 -14.00
C VAL E 96 5.09 42.86 -14.23
N GLU E 97 3.95 43.45 -13.94
CA GLU E 97 3.75 44.88 -14.18
C GLU E 97 2.69 45.37 -13.21
N ALA E 98 3.13 45.96 -12.11
CA ALA E 98 2.20 46.47 -11.12
C ALA E 98 1.61 47.79 -11.59
N ARG E 99 0.32 47.96 -11.35
CA ARG E 99 -0.41 49.13 -11.81
C ARG E 99 -1.13 49.78 -10.63
N ASP E 100 -1.04 51.10 -10.57
CA ASP E 100 -1.74 51.89 -9.57
C ASP E 100 -3.17 52.17 -10.04
N GLY E 101 -3.87 53.07 -9.35
CA GLY E 101 -5.27 53.29 -9.64
C GLY E 101 -6.12 52.17 -9.07
N ASN E 102 -7.42 52.25 -9.36
CA ASN E 102 -8.37 51.26 -8.85
C ASN E 102 -8.58 50.10 -9.82
N GLY E 103 -7.57 49.78 -10.62
CA GLY E 103 -7.62 48.65 -11.51
C GLY E 103 -8.04 48.94 -12.93
N GLU E 104 -7.97 50.20 -13.37
CA GLU E 104 -8.36 50.53 -14.74
C GLU E 104 -7.33 49.96 -15.70
N VAL E 105 -7.76 49.05 -16.57
CA VAL E 105 -6.85 48.36 -17.48
C VAL E 105 -6.95 49.07 -18.83
N THR E 106 -6.09 50.06 -19.03
CA THR E 106 -6.00 50.81 -20.28
C THR E 106 -4.59 50.66 -20.85
N ASP E 107 -4.33 51.39 -21.94
CA ASP E 107 -3.02 51.40 -22.57
C ASP E 107 -2.12 52.52 -22.06
N LYS E 108 -2.36 52.98 -20.84
CA LYS E 108 -1.42 53.89 -20.20
C LYS E 108 -0.24 53.07 -19.70
N PRO E 109 0.98 53.33 -20.17
CA PRO E 109 2.12 52.48 -19.80
C PRO E 109 2.56 52.69 -18.37
N VAL E 110 2.80 51.58 -17.69
CA VAL E 110 3.12 51.61 -16.26
C VAL E 110 4.38 50.76 -16.09
N LYS E 111 5.03 50.85 -14.92
CA LYS E 111 6.33 50.23 -14.70
C LYS E 111 6.25 48.70 -14.75
N GLN E 112 7.19 48.11 -15.47
CA GLN E 112 7.32 46.65 -15.57
C GLN E 112 8.54 46.20 -14.80
N ALA E 113 8.35 45.22 -13.92
CA ALA E 113 9.45 44.56 -13.24
C ALA E 113 9.75 43.24 -13.94
N GLN E 114 10.84 42.62 -13.52
CA GLN E 114 11.23 41.31 -14.02
C GLN E 114 11.40 40.39 -12.83
N VAL E 115 10.81 39.20 -12.92
CA VAL E 115 10.88 38.22 -11.85
C VAL E 115 11.50 36.95 -12.42
N GLN E 116 12.67 36.60 -11.91
CA GLN E 116 13.37 35.38 -12.30
C GLN E 116 13.28 34.38 -11.16
N ILE E 117 12.77 33.19 -11.46
CA ILE E 117 12.52 32.16 -10.47
C ILE E 117 13.30 30.91 -10.86
N ARG E 118 14.23 30.49 -10.00
CA ARG E 118 14.88 29.20 -10.19
C ARG E 118 14.16 28.16 -9.35
N ILE E 119 14.02 26.97 -9.89
CA ILE E 119 13.39 25.87 -9.17
C ILE E 119 14.48 24.98 -8.60
N LEU E 120 14.37 24.66 -7.32
CA LEU E 120 15.39 23.89 -6.61
C LEU E 120 15.10 22.40 -6.75
N ASP E 121 16.08 21.65 -7.24
CA ASP E 121 15.87 20.25 -7.54
C ASP E 121 15.80 19.41 -6.26
N VAL E 122 14.88 18.44 -6.27
CA VAL E 122 14.85 17.39 -5.26
C VAL E 122 15.13 16.06 -5.94
N ASN E 123 15.53 15.09 -5.13
CA ASN E 123 15.96 13.79 -5.65
C ASN E 123 14.73 12.92 -5.90
N ASP E 124 14.01 13.25 -6.97
CA ASP E 124 12.82 12.51 -7.35
C ASP E 124 13.08 11.61 -8.56
N ASN E 125 14.31 11.15 -8.73
CA ASN E 125 14.63 10.25 -9.83
C ASN E 125 15.63 9.22 -9.32
N ILE E 126 15.40 7.96 -9.69
CA ILE E 126 16.29 6.86 -9.33
C ILE E 126 17.33 6.73 -10.44
N PRO E 127 18.62 6.62 -10.11
CA PRO E 127 19.61 6.35 -11.14
C PRO E 127 19.40 4.98 -11.76
N VAL E 128 19.70 4.87 -13.05
CA VAL E 128 19.50 3.64 -13.79
C VAL E 128 20.82 3.26 -14.45
N VAL E 129 21.11 1.97 -14.45
CA VAL E 129 22.32 1.43 -15.04
C VAL E 129 22.10 1.26 -16.53
N GLU E 130 22.86 1.99 -17.34
CA GLU E 130 22.64 2.01 -18.78
C GLU E 130 23.08 0.72 -19.45
N ASN E 131 24.33 0.32 -19.26
CA ASN E 131 24.81 -0.95 -19.78
C ASN E 131 24.14 -2.10 -19.03
N LYS E 132 24.06 -3.23 -19.71
CA LYS E 132 23.38 -4.39 -19.14
C LYS E 132 24.29 -5.59 -18.96
N VAL E 133 25.31 -5.75 -19.80
CA VAL E 133 26.36 -6.73 -19.58
C VAL E 133 27.61 -5.99 -19.12
N LEU E 134 28.20 -6.46 -18.04
CA LEU E 134 29.36 -5.83 -17.42
C LEU E 134 30.35 -6.91 -17.06
N GLU E 135 31.63 -6.69 -17.36
CA GLU E 135 32.60 -7.75 -17.14
C GLU E 135 33.98 -7.15 -16.93
N GLY E 136 34.75 -7.80 -16.05
CA GLY E 136 36.12 -7.40 -15.79
C GLY E 136 37.04 -8.60 -15.81
N MET E 137 38.33 -8.31 -15.93
CA MET E 137 39.35 -9.33 -16.06
C MET E 137 40.50 -9.00 -15.11
N VAL E 138 41.02 -10.03 -14.44
CA VAL E 138 42.15 -9.89 -13.52
C VAL E 138 43.13 -11.02 -13.77
N GLU E 139 44.39 -10.77 -13.39
CA GLU E 139 45.51 -11.69 -13.55
C GLU E 139 46.20 -11.86 -12.21
N GLU E 140 47.39 -12.46 -12.19
CA GLU E 140 48.20 -12.55 -10.98
C GLU E 140 48.65 -11.16 -10.52
N ASN E 141 48.67 -10.99 -9.20
CA ASN E 141 49.32 -9.86 -8.53
C ASN E 141 48.73 -8.52 -8.96
N GLN E 142 47.46 -8.53 -9.30
CA GLN E 142 46.77 -7.34 -9.79
C GLN E 142 46.15 -6.63 -8.60
N VAL E 143 46.41 -5.32 -8.48
CA VAL E 143 45.86 -4.50 -7.42
C VAL E 143 45.70 -3.08 -7.96
N ASN E 144 44.76 -2.34 -7.38
CA ASN E 144 44.47 -0.95 -7.75
C ASN E 144 44.12 -0.82 -9.23
N VAL E 145 43.32 -1.77 -9.71
CA VAL E 145 42.89 -1.82 -11.11
C VAL E 145 41.43 -1.39 -11.17
N GLU E 146 41.13 -0.49 -12.10
CA GLU E 146 39.83 0.15 -12.25
C GLU E 146 39.04 -0.45 -13.40
N VAL E 147 39.03 -1.79 -13.49
CA VAL E 147 38.81 -2.51 -14.74
C VAL E 147 37.48 -2.14 -15.40
N THR E 148 36.44 -1.95 -14.60
CA THR E 148 35.15 -1.58 -15.14
C THR E 148 34.60 -0.33 -14.48
N ARG E 149 33.80 0.41 -15.24
CA ARG E 149 33.11 1.60 -14.77
C ARG E 149 31.63 1.44 -15.07
N ILE E 150 30.79 1.65 -14.07
CA ILE E 150 29.35 1.54 -14.24
C ILE E 150 28.81 2.90 -14.69
N LYS E 151 28.06 2.90 -15.78
CA LYS E 151 27.45 4.12 -16.28
C LYS E 151 26.05 4.22 -15.68
N VAL E 152 25.79 5.27 -14.92
CA VAL E 152 24.47 5.51 -14.37
C VAL E 152 23.91 6.78 -14.98
N PHE E 153 22.62 6.98 -14.76
CA PHE E 153 21.91 8.09 -15.39
C PHE E 153 20.84 8.58 -14.43
N ASP E 154 21.13 9.67 -13.74
CA ASP E 154 20.14 10.35 -12.90
C ASP E 154 19.76 11.66 -13.57
N ALA E 155 18.52 12.09 -13.33
CA ALA E 155 17.99 13.27 -14.00
C ALA E 155 17.97 14.51 -13.12
N ASP E 156 18.48 14.44 -11.91
CA ASP E 156 18.27 15.50 -10.92
C ASP E 156 19.49 16.42 -10.86
N GLU E 157 19.55 17.40 -11.77
CA GLU E 157 20.44 18.54 -11.65
C GLU E 157 21.91 18.17 -11.58
N ILE E 158 22.49 17.81 -12.73
CA ILE E 158 23.87 17.37 -12.88
C ILE E 158 24.84 18.23 -12.08
N GLY E 159 25.61 17.59 -11.20
CA GLY E 159 26.49 18.26 -10.28
C GLY E 159 26.01 18.27 -8.85
N SER E 160 24.77 17.88 -8.59
CA SER E 160 24.22 17.93 -7.23
C SER E 160 24.28 16.55 -6.58
N ASP E 161 24.07 16.55 -5.26
CA ASP E 161 24.03 15.31 -4.51
C ASP E 161 22.79 14.47 -4.79
N ASN E 162 21.77 15.05 -5.42
CA ASN E 162 20.67 14.26 -5.95
C ASN E 162 21.06 13.51 -7.20
N TRP E 163 22.24 13.80 -7.76
CA TRP E 163 22.66 13.25 -9.04
C TRP E 163 23.86 12.32 -8.94
N LEU E 164 24.72 12.52 -7.94
CA LEU E 164 25.87 11.64 -7.74
C LEU E 164 25.38 10.27 -7.32
N ALA E 165 26.10 9.22 -7.72
CA ALA E 165 25.69 7.85 -7.44
C ALA E 165 26.49 7.26 -6.29
N ASN E 166 25.80 6.75 -5.29
CA ASN E 166 26.43 6.00 -4.20
C ASN E 166 26.26 4.52 -4.50
N PHE E 167 27.37 3.81 -4.61
CA PHE E 167 27.37 2.39 -4.91
C PHE E 167 27.62 1.58 -3.64
N THR E 168 26.99 0.42 -3.57
CA THR E 168 27.18 -0.49 -2.46
C THR E 168 27.10 -1.92 -2.97
N PHE E 169 27.78 -2.82 -2.27
CA PHE E 169 27.89 -4.20 -2.70
C PHE E 169 26.73 -5.01 -2.13
N ALA E 170 25.88 -5.53 -3.02
CA ALA E 170 24.81 -6.40 -2.57
C ALA E 170 25.36 -7.72 -2.06
N SER E 171 26.25 -8.34 -2.83
CA SER E 171 26.82 -9.63 -2.46
C SER E 171 28.12 -9.83 -3.22
N GLY E 172 28.92 -10.78 -2.74
CA GLY E 172 30.08 -11.26 -3.46
C GLY E 172 31.40 -10.68 -2.99
N ASN E 173 31.41 -9.46 -2.45
CA ASN E 173 32.64 -8.85 -1.95
C ASN E 173 32.65 -9.05 -0.43
N GLU E 174 32.91 -10.28 -0.02
CA GLU E 174 33.02 -10.62 1.39
C GLU E 174 34.43 -10.47 1.93
N GLY E 175 35.45 -10.79 1.14
CA GLY E 175 36.82 -10.65 1.58
C GLY E 175 37.37 -9.24 1.51
N GLY E 176 36.61 -8.31 0.96
CA GLY E 176 37.09 -6.95 0.82
C GLY E 176 37.99 -6.77 -0.39
N TYR E 177 37.61 -7.40 -1.49
CA TYR E 177 38.40 -7.31 -2.72
C TYR E 177 38.34 -5.91 -3.33
N PHE E 178 37.13 -5.35 -3.47
CA PHE E 178 36.92 -4.14 -4.24
C PHE E 178 36.46 -3.01 -3.34
N HIS E 179 36.49 -1.80 -3.89
CA HIS E 179 36.01 -0.60 -3.22
C HIS E 179 35.66 0.41 -4.29
N ILE E 180 34.40 0.80 -4.35
CA ILE E 180 33.90 1.61 -5.46
C ILE E 180 34.00 3.08 -5.09
N GLU E 181 34.65 3.86 -5.96
CA GLU E 181 34.64 5.31 -5.89
C GLU E 181 33.80 5.85 -7.05
N THR E 182 33.18 7.01 -6.82
CA THR E 182 32.27 7.60 -7.79
C THR E 182 32.91 8.85 -8.39
N ASP E 183 33.05 8.88 -9.70
CA ASP E 183 33.45 10.10 -10.38
C ASP E 183 32.31 11.11 -10.34
N ALA E 184 32.66 12.39 -10.15
CA ALA E 184 31.66 13.44 -10.15
C ALA E 184 31.55 14.15 -11.49
N GLN E 185 32.54 13.98 -12.37
CA GLN E 185 32.48 14.64 -13.67
C GLN E 185 31.52 13.96 -14.62
N THR E 186 31.27 12.67 -14.42
CA THR E 186 30.49 11.89 -15.37
C THR E 186 29.47 11.01 -14.67
N ASN E 187 29.57 10.88 -13.34
CA ASN E 187 28.76 9.97 -12.52
C ASN E 187 28.96 8.52 -12.97
N GLU E 188 30.20 8.08 -12.82
CA GLU E 188 30.63 6.75 -13.23
C GLU E 188 30.85 5.85 -12.03
N GLY E 189 30.65 4.55 -12.25
CA GLY E 189 30.89 3.56 -11.21
C GLY E 189 32.28 2.96 -11.22
N ILE E 190 33.28 3.75 -10.81
CA ILE E 190 34.67 3.31 -10.86
C ILE E 190 34.89 2.31 -9.72
N VAL E 191 35.09 1.05 -10.06
CA VAL E 191 35.49 0.06 -9.08
C VAL E 191 36.99 0.09 -8.96
N THR E 192 37.53 -0.49 -7.91
CA THR E 192 38.96 -0.68 -7.73
C THR E 192 39.24 -2.10 -7.26
N LEU E 193 40.53 -2.43 -7.20
CA LEU E 193 40.97 -3.77 -6.82
C LEU E 193 41.98 -3.64 -5.69
N ILE E 194 41.73 -4.33 -4.58
CA ILE E 194 42.58 -4.20 -3.41
C ILE E 194 43.20 -5.54 -3.03
N LYS E 195 42.61 -6.65 -3.46
CA LYS E 195 43.14 -7.94 -3.09
C LYS E 195 43.64 -8.65 -4.35
N GLU E 196 44.81 -9.27 -4.22
CA GLU E 196 45.48 -9.92 -5.34
C GLU E 196 45.05 -11.39 -5.43
N VAL E 197 44.66 -11.81 -6.63
CA VAL E 197 44.17 -13.17 -6.87
C VAL E 197 45.06 -13.82 -7.91
N ASP E 198 45.51 -15.05 -7.63
CA ASP E 198 46.24 -15.86 -8.60
C ASP E 198 45.31 -16.25 -9.74
N TYR E 199 45.68 -15.89 -10.97
CA TYR E 199 44.85 -16.28 -12.12
C TYR E 199 45.00 -17.76 -12.42
N GLU E 200 46.11 -18.37 -12.01
CA GLU E 200 46.27 -19.81 -12.14
C GLU E 200 45.44 -20.59 -11.14
N GLU E 201 44.81 -19.91 -10.18
CA GLU E 201 43.80 -20.57 -9.35
C GLU E 201 42.53 -20.84 -10.13
N MET E 202 42.31 -20.09 -11.23
CA MET E 202 41.14 -20.24 -12.11
C MET E 202 39.84 -20.12 -11.33
N LYS E 203 39.78 -19.19 -10.41
CA LYS E 203 38.66 -19.00 -9.51
C LYS E 203 37.67 -18.02 -10.14
N ASN E 204 36.73 -17.52 -9.33
CA ASN E 204 35.81 -16.48 -9.77
C ASN E 204 35.70 -15.43 -8.67
N LEU E 205 35.43 -14.20 -9.08
CA LEU E 205 35.22 -13.07 -8.19
C LEU E 205 33.88 -12.40 -8.48
N ASP E 206 32.86 -13.24 -8.68
CA ASP E 206 31.53 -12.75 -9.02
C ASP E 206 30.90 -12.00 -7.86
N PHE E 207 30.22 -10.91 -8.16
CA PHE E 207 29.60 -10.06 -7.16
C PHE E 207 28.53 -9.21 -7.83
N SER E 208 27.88 -8.36 -7.05
CA SER E 208 26.83 -7.51 -7.59
C SER E 208 26.78 -6.21 -6.80
N VAL E 209 26.23 -5.18 -7.43
CA VAL E 209 26.24 -3.83 -6.90
C VAL E 209 24.82 -3.29 -6.88
N ILE E 210 24.51 -2.55 -5.82
CA ILE E 210 23.26 -1.80 -5.72
C ILE E 210 23.62 -0.32 -5.87
N VAL E 211 22.95 0.36 -6.78
CA VAL E 211 23.25 1.75 -7.09
C VAL E 211 22.14 2.64 -6.55
N ALA E 212 22.52 3.76 -5.95
CA ALA E 212 21.57 4.75 -5.46
C ALA E 212 22.26 6.10 -5.43
N ASN E 213 21.47 7.15 -5.28
CA ASN E 213 22.04 8.50 -5.23
C ASN E 213 22.77 8.71 -3.91
N LYS E 214 23.72 9.64 -3.94
CA LYS E 214 24.49 9.97 -2.74
C LYS E 214 23.58 10.59 -1.68
N ALA E 215 22.69 11.48 -2.09
CA ALA E 215 21.67 11.96 -1.18
C ALA E 215 20.52 10.97 -1.12
N ALA E 216 19.71 11.08 -0.07
CA ALA E 216 18.58 10.18 0.07
C ALA E 216 17.48 10.56 -0.91
N PHE E 217 16.64 9.58 -1.24
CA PHE E 217 15.58 9.80 -2.20
C PHE E 217 14.47 10.64 -1.58
N HIS E 218 13.54 11.08 -2.41
CA HIS E 218 12.50 11.98 -1.98
C HIS E 218 11.32 11.20 -1.37
N LYS E 219 10.22 11.92 -1.16
CA LYS E 219 8.98 11.33 -0.68
C LYS E 219 8.50 10.21 -1.58
N SER E 220 8.27 10.51 -2.86
CA SER E 220 7.45 9.67 -3.70
C SER E 220 8.20 8.49 -4.28
N ILE E 221 9.52 8.51 -4.27
CA ILE E 221 10.29 7.42 -4.86
C ILE E 221 10.98 6.55 -3.82
N ARG E 222 11.10 7.02 -2.58
CA ARG E 222 11.25 6.07 -1.50
C ARG E 222 9.95 5.29 -1.34
N SER E 223 10.07 4.06 -0.87
CA SER E 223 9.03 3.04 -0.77
C SER E 223 8.57 2.52 -2.13
N LYS E 224 9.09 3.08 -3.23
CA LYS E 224 8.95 2.50 -4.56
C LYS E 224 10.29 2.07 -5.11
N TYR E 225 11.37 2.39 -4.41
CA TYR E 225 12.72 2.06 -4.85
C TYR E 225 12.99 0.61 -4.51
N LYS E 226 12.92 -0.25 -5.52
CA LYS E 226 13.22 -1.67 -5.34
C LYS E 226 14.48 -1.97 -6.14
N PRO E 227 15.65 -1.98 -5.51
CA PRO E 227 16.89 -2.14 -6.27
C PRO E 227 17.15 -3.60 -6.63
N THR E 228 17.29 -3.85 -7.91
CA THR E 228 17.75 -5.13 -8.41
C THR E 228 19.27 -5.10 -8.53
N PRO E 229 19.99 -6.10 -8.01
CA PRO E 229 21.45 -6.08 -8.10
C PRO E 229 21.93 -6.17 -9.54
N ILE E 230 23.14 -5.66 -9.77
CA ILE E 230 23.74 -5.63 -11.10
C ILE E 230 24.83 -6.70 -11.13
N PRO E 231 24.61 -7.81 -11.80
CA PRO E 231 25.57 -8.92 -11.72
C PRO E 231 26.84 -8.69 -12.51
N ILE E 232 27.80 -7.99 -11.92
CA ILE E 232 29.11 -7.81 -12.53
C ILE E 232 29.90 -9.09 -12.37
N LYS E 233 30.41 -9.62 -13.48
CA LYS E 233 31.16 -10.87 -13.49
C LYS E 233 32.63 -10.56 -13.76
N VAL E 234 33.51 -11.01 -12.87
CA VAL E 234 34.94 -10.80 -13.01
C VAL E 234 35.61 -12.16 -13.13
N LYS E 235 36.02 -12.51 -14.35
CA LYS E 235 36.73 -13.75 -14.56
C LYS E 235 38.16 -13.60 -14.04
N VAL E 236 38.68 -14.68 -13.46
CA VAL E 236 40.01 -14.65 -12.86
C VAL E 236 41.04 -15.20 -13.84
#